data_4QDH
#
_entry.id   4QDH
#
_cell.length_a   106.025
_cell.length_b   106.025
_cell.length_c   221.549
_cell.angle_alpha   90.00
_cell.angle_beta   90.00
_cell.angle_gamma   120.00
#
_symmetry.space_group_name_H-M   'P 31 2 1'
#
loop_
_entity.id
_entity.type
_entity.pdbx_description
1 polymer 'Variable lymphocyte receptor B, Toll-like receptor 9 chimera'
2 non-polymer 2-acetamido-2-deoxy-beta-D-glucopyranose
3 non-polymer 'SULFATE ION'
4 water water
#
_entity_poly.entity_id   1
_entity_poly.type   'polypeptide(L)'
_entity_poly.pdbx_seq_one_letter_code
;ADPGGKACPSRCSCSGTEIRCNSKGLTSVPTGIPSSATRLELESNKLQSLPHGVFDKLTQLTKLSLSRNNLVTIKPEMFV
NLSRLQCLSLSHNSIAQAVNGSQFLPLTNLQVLDLSHNKLDLYHWKSFSELPQLQALDLSYNSQPFSMKGIGHNFSFVTH
LSMLQSLSLAHNDIHTRVSSHLNSNSVRFLDFSGNGMGRMWDEGGLYLHFFQGLSGLLKLDLSQNNLHILRPQNLDNLPK
SLKLLSLRDNYLSFFNWTSLSFLPNLEVLDLAGNQLKALTNGTLPNGTLLQKLDVSSNSIVSVVPAFFALAVELKEVNLS
HNILKTVDRSWFGPIVMNLKELALDTNQLKSVPDGIFDRLTSLQKIWLHTNPWDCSCPRIDYLSRWLNKNSQKEQGSAKC
SGSGKPVRSIICPTASLVPRGSWSHPQFEKGSHHHHHH
;
_entity_poly.pdbx_strand_id   A,B
#
loop_
_chem_comp.id
_chem_comp.type
_chem_comp.name
_chem_comp.formula
NAG D-saccharide, beta linking 2-acetamido-2-deoxy-beta-D-glucopyranose 'C8 H15 N O6'
SO4 non-polymer 'SULFATE ION' 'O4 S -2'
#
# COMPACT_ATOMS: atom_id res chain seq x y z
N CYS A 8 -27.21 18.01 -24.70
CA CYS A 8 -25.96 17.59 -24.06
C CYS A 8 -25.06 18.76 -23.69
N PRO A 9 -24.62 18.81 -22.42
CA PRO A 9 -23.80 19.90 -21.89
C PRO A 9 -22.39 19.97 -22.48
N SER A 10 -21.77 21.15 -22.38
CA SER A 10 -20.37 21.31 -22.72
C SER A 10 -19.57 20.55 -21.67
N ARG A 11 -18.38 20.09 -22.06
CA ARG A 11 -17.48 19.38 -21.14
C ARG A 11 -18.04 18.04 -20.66
N CYS A 12 -19.07 17.53 -21.33
CA CYS A 12 -19.67 16.24 -20.94
C CYS A 12 -19.76 15.26 -22.10
N SER A 13 -19.65 13.98 -21.79
CA SER A 13 -19.89 12.91 -22.76
C SER A 13 -21.25 12.28 -22.47
N CYS A 14 -22.23 12.54 -23.34
CA CYS A 14 -23.55 11.96 -23.18
C CYS A 14 -23.72 10.71 -24.04
N SER A 15 -24.04 9.59 -23.40
CA SER A 15 -24.18 8.32 -24.10
C SER A 15 -25.42 7.55 -23.65
N GLY A 16 -26.51 7.68 -24.40
CA GLY A 16 -27.79 7.18 -23.97
C GLY A 16 -28.33 8.14 -22.94
N THR A 17 -28.86 7.60 -21.84
CA THR A 17 -29.24 8.43 -20.69
C THR A 17 -28.12 8.40 -19.65
N GLU A 18 -26.96 7.90 -20.04
CA GLU A 18 -25.79 7.89 -19.18
C GLU A 18 -24.89 9.08 -19.50
N ILE A 19 -24.55 9.84 -18.47
CA ILE A 19 -23.84 11.09 -18.66
C ILE A 19 -22.56 11.14 -17.83
N ARG A 20 -21.48 11.56 -18.46
CA ARG A 20 -20.16 11.57 -17.83
C ARG A 20 -19.47 12.92 -18.02
N CYS A 21 -19.06 13.53 -16.90
CA CYS A 21 -18.30 14.77 -16.93
C CYS A 21 -17.08 14.60 -16.04
N ASN A 22 -16.20 13.69 -16.43
CA ASN A 22 -15.08 13.33 -15.59
C ASN A 22 -13.76 14.03 -15.97
N SER A 23 -13.04 14.46 -14.94
CA SER A 23 -11.73 15.11 -15.09
C SER A 23 -11.80 16.33 -16.00
N LYS A 24 -12.62 17.30 -15.62
CA LYS A 24 -12.76 18.54 -16.37
C LYS A 24 -12.51 19.76 -15.49
N GLY A 25 -12.00 19.54 -14.29
CA GLY A 25 -11.70 20.62 -13.37
C GLY A 25 -12.89 21.47 -12.95
N LEU A 26 -14.07 20.86 -12.98
CA LEU A 26 -15.32 21.58 -12.71
C LEU A 26 -15.40 22.06 -11.27
N THR A 27 -15.88 23.30 -11.08
CA THR A 27 -16.09 23.84 -9.74
C THR A 27 -17.57 23.83 -9.35
N SER A 28 -18.40 23.56 -10.34
CA SER A 28 -19.83 23.40 -10.14
C SER A 28 -20.42 22.42 -11.17
N VAL A 29 -21.63 21.93 -10.90
CA VAL A 29 -22.35 21.04 -11.80
C VAL A 29 -22.68 21.74 -13.11
N PRO A 30 -22.42 21.07 -14.24
CA PRO A 30 -22.80 21.64 -15.53
C PRO A 30 -24.31 21.87 -15.64
N THR A 31 -24.72 23.07 -16.04
CA THR A 31 -26.12 23.34 -16.35
C THR A 31 -26.45 22.70 -17.70
N GLY A 32 -27.72 22.36 -17.89
CA GLY A 32 -28.16 21.80 -19.16
C GLY A 32 -27.84 20.33 -19.34
N ILE A 33 -27.84 19.59 -18.24
CA ILE A 33 -27.83 18.13 -18.27
C ILE A 33 -29.26 17.71 -18.59
N PRO A 34 -29.44 16.79 -19.55
CA PRO A 34 -30.81 16.38 -19.90
C PRO A 34 -31.57 15.82 -18.70
N SER A 35 -32.82 16.26 -18.55
CA SER A 35 -33.65 15.83 -17.44
C SER A 35 -33.96 14.32 -17.51
N SER A 36 -33.65 13.73 -18.66
CA SER A 36 -33.90 12.32 -18.90
C SER A 36 -32.77 11.41 -18.40
N ALA A 37 -31.74 12.00 -17.79
CA ALA A 37 -30.56 11.25 -17.35
C ALA A 37 -30.83 10.22 -16.23
N THR A 38 -30.26 9.02 -16.37
CA THR A 38 -30.43 7.99 -15.34
C THR A 38 -29.13 7.68 -14.59
N ARG A 39 -28.00 8.01 -15.19
CA ARG A 39 -26.70 7.82 -14.56
C ARG A 39 -25.87 9.10 -14.74
N LEU A 40 -25.24 9.57 -13.66
CA LEU A 40 -24.42 10.77 -13.76
C LEU A 40 -23.06 10.61 -13.06
N GLU A 41 -22.00 11.01 -13.77
CA GLU A 41 -20.67 10.98 -13.20
C GLU A 41 -20.02 12.37 -13.25
N LEU A 42 -19.58 12.85 -12.09
CA LEU A 42 -18.90 14.16 -11.99
C LEU A 42 -17.56 13.95 -11.29
N GLU A 43 -16.92 12.85 -11.66
CA GLU A 43 -15.68 12.41 -11.04
C GLU A 43 -14.47 13.27 -11.35
N SER A 44 -13.56 13.34 -10.39
CA SER A 44 -12.22 13.90 -10.60
C SER A 44 -12.30 15.35 -11.02
N ASN A 45 -13.07 16.11 -10.26
CA ASN A 45 -13.18 17.54 -10.45
C ASN A 45 -12.87 18.25 -9.16
N LYS A 46 -13.28 19.51 -9.07
CA LYS A 46 -13.01 20.29 -7.88
C LYS A 46 -14.26 20.81 -7.19
N LEU A 47 -15.34 20.02 -7.21
CA LEU A 47 -16.59 20.42 -6.55
C LEU A 47 -16.46 20.51 -5.03
N GLN A 48 -16.94 21.60 -4.44
CA GLN A 48 -16.99 21.73 -2.99
C GLN A 48 -18.40 21.76 -2.41
N SER A 49 -19.37 22.15 -3.24
CA SER A 49 -20.76 22.39 -2.80
C SER A 49 -21.77 21.67 -3.67
N LEU A 50 -22.93 21.35 -3.10
CA LEU A 50 -24.08 21.04 -3.93
C LEU A 50 -25.16 22.05 -3.59
N PRO A 51 -25.10 23.20 -4.26
CA PRO A 51 -26.01 24.33 -4.01
C PRO A 51 -27.47 23.92 -4.17
N HIS A 52 -28.33 24.63 -3.47
CA HIS A 52 -29.75 24.31 -3.47
C HIS A 52 -30.30 24.34 -4.90
N GLY A 53 -31.10 23.32 -5.24
CA GLY A 53 -31.74 23.25 -6.54
C GLY A 53 -30.87 22.74 -7.69
N VAL A 54 -29.65 22.28 -7.39
CA VAL A 54 -28.73 21.91 -8.46
C VAL A 54 -29.14 20.67 -9.27
N PHE A 55 -29.82 19.73 -8.61
CA PHE A 55 -30.35 18.53 -9.27
C PHE A 55 -31.86 18.60 -9.44
N ASP A 56 -32.41 19.82 -9.43
CA ASP A 56 -33.86 20.07 -9.54
C ASP A 56 -34.56 19.29 -10.66
N LYS A 57 -33.93 19.18 -11.82
CA LYS A 57 -34.61 18.63 -12.98
C LYS A 57 -34.19 17.20 -13.30
N LEU A 58 -33.25 16.67 -12.51
CA LEU A 58 -32.74 15.32 -12.76
C LEU A 58 -33.45 14.27 -11.90
N THR A 59 -34.75 14.14 -12.14
CA THR A 59 -35.63 13.28 -11.35
C THR A 59 -35.53 11.82 -11.78
N GLN A 60 -34.89 11.58 -12.92
CA GLN A 60 -34.72 10.23 -13.46
C GLN A 60 -33.42 9.57 -13.00
N LEU A 61 -32.70 10.24 -12.10
CA LEU A 61 -31.38 9.75 -11.73
C LEU A 61 -31.43 8.57 -10.73
N THR A 62 -30.78 7.47 -11.08
CA THR A 62 -30.73 6.35 -10.14
C THR A 62 -29.31 6.05 -9.68
N LYS A 63 -28.33 6.64 -10.35
CA LYS A 63 -26.91 6.41 -10.05
C LYS A 63 -26.11 7.71 -10.15
N LEU A 64 -25.41 8.08 -9.08
CA LEU A 64 -24.69 9.33 -9.05
C LEU A 64 -23.31 9.08 -8.47
N SER A 65 -22.27 9.58 -9.13
CA SER A 65 -20.92 9.52 -8.58
C SER A 65 -20.27 10.90 -8.51
N LEU A 66 -19.93 11.31 -7.29
CA LEU A 66 -19.21 12.53 -7.04
C LEU A 66 -17.78 12.15 -6.61
N SER A 67 -17.35 10.98 -7.04
CA SER A 67 -16.04 10.43 -6.67
C SER A 67 -14.88 11.37 -7.03
N ARG A 68 -13.95 11.52 -6.09
CA ARG A 68 -12.76 12.34 -6.29
C ARG A 68 -13.05 13.80 -6.55
N ASN A 69 -13.59 14.44 -5.53
CA ASN A 69 -13.81 15.87 -5.53
C ASN A 69 -13.40 16.37 -4.17
N ASN A 70 -13.94 17.53 -3.80
CA ASN A 70 -13.61 18.15 -2.53
C ASN A 70 -14.84 18.65 -1.77
N LEU A 71 -15.84 17.78 -1.60
CA LEU A 71 -17.03 18.12 -0.85
C LEU A 71 -16.68 18.45 0.60
N VAL A 72 -17.22 19.55 1.08
CA VAL A 72 -16.87 20.02 2.41
C VAL A 72 -17.68 19.27 3.47
N THR A 73 -18.99 19.20 3.28
CA THR A 73 -19.86 18.50 4.21
C THR A 73 -20.94 17.69 3.50
N ILE A 74 -21.45 16.66 4.18
CA ILE A 74 -22.70 16.01 3.80
C ILE A 74 -23.91 16.62 4.58
N LYS A 75 -24.84 17.25 3.89
CA LYS A 75 -26.09 17.76 4.50
C LYS A 75 -27.22 16.97 3.90
N PRO A 76 -28.21 16.58 4.71
CA PRO A 76 -29.40 15.91 4.17
C PRO A 76 -29.98 16.70 3.00
N GLU A 77 -30.04 18.02 3.11
CA GLU A 77 -30.72 18.77 2.06
C GLU A 77 -29.99 18.81 0.71
N MET A 78 -28.73 18.37 0.69
CA MET A 78 -28.02 18.18 -0.59
C MET A 78 -28.72 17.14 -1.46
N PHE A 79 -29.48 16.23 -0.83
CA PHE A 79 -30.06 15.11 -1.55
C PHE A 79 -31.52 15.25 -1.89
N VAL A 80 -32.11 16.40 -1.58
CA VAL A 80 -33.48 16.67 -1.96
C VAL A 80 -33.57 16.52 -3.49
N ASN A 81 -34.67 15.95 -3.99
CA ASN A 81 -34.81 15.58 -5.42
C ASN A 81 -34.04 14.33 -5.85
N LEU A 82 -33.06 13.91 -5.06
CA LEU A 82 -32.30 12.71 -5.40
C LEU A 82 -32.88 11.48 -4.74
N SER A 83 -34.18 11.50 -4.48
CA SER A 83 -34.79 10.45 -3.68
C SER A 83 -34.98 9.14 -4.44
N ARG A 84 -34.80 9.20 -5.75
CA ARG A 84 -35.00 8.03 -6.58
C ARG A 84 -33.68 7.23 -6.69
N LEU A 85 -32.62 7.80 -6.12
CA LEU A 85 -31.26 7.26 -6.24
C LEU A 85 -31.08 5.87 -5.64
N GLN A 86 -30.51 4.95 -6.41
CA GLN A 86 -30.20 3.60 -5.92
C GLN A 86 -28.71 3.42 -5.61
N CYS A 87 -27.86 4.17 -6.29
CA CYS A 87 -26.45 4.10 -6.01
C CYS A 87 -25.84 5.49 -5.88
N LEU A 88 -25.05 5.70 -4.83
CA LEU A 88 -24.35 6.95 -4.69
C LEU A 88 -22.87 6.73 -4.31
N SER A 89 -21.98 7.48 -4.94
CA SER A 89 -20.60 7.49 -4.49
C SER A 89 -20.15 8.88 -4.08
N LEU A 90 -19.61 8.98 -2.87
CA LEU A 90 -18.98 10.21 -2.44
C LEU A 90 -17.52 9.90 -2.09
N SER A 91 -16.99 8.83 -2.67
CA SER A 91 -15.64 8.39 -2.38
C SER A 91 -14.59 9.44 -2.77
N HIS A 92 -13.45 9.37 -2.08
CA HIS A 92 -12.29 10.23 -2.37
C HIS A 92 -12.65 11.72 -2.31
N ASN A 93 -13.40 12.12 -1.28
CA ASN A 93 -13.72 13.53 -1.11
C ASN A 93 -13.10 14.05 0.20
N SER A 94 -12.49 13.13 0.93
CA SER A 94 -12.00 13.36 2.29
C SER A 94 -12.89 14.28 3.13
N ILE A 95 -14.18 13.95 3.15
CA ILE A 95 -15.07 14.69 4.00
C ILE A 95 -14.78 14.33 5.46
N ALA A 96 -14.59 15.36 6.27
CA ALA A 96 -14.28 15.19 7.70
C ALA A 96 -15.49 15.62 8.54
N GLN A 97 -16.27 14.64 8.99
CA GLN A 97 -17.45 14.93 9.78
C GLN A 97 -18.04 13.67 10.38
N ALA A 98 -18.94 13.85 11.34
CA ALA A 98 -19.62 12.71 11.98
C ALA A 98 -20.76 12.21 11.10
N VAL A 99 -21.02 10.91 11.20
CA VAL A 99 -22.15 10.27 10.55
C VAL A 99 -22.93 9.65 11.69
N ASN A 100 -24.19 10.06 11.85
CA ASN A 100 -24.96 9.67 13.03
C ASN A 100 -26.46 9.48 12.77
N GLY A 101 -26.86 9.31 11.52
CA GLY A 101 -28.26 9.07 11.20
C GLY A 101 -29.01 10.25 10.60
N SER A 102 -28.33 11.36 10.36
CA SER A 102 -29.01 12.56 9.91
C SER A 102 -28.47 13.06 8.58
N GLN A 103 -27.66 12.27 7.91
CA GLN A 103 -26.94 12.75 6.74
C GLN A 103 -27.63 12.46 5.43
N PHE A 104 -28.33 11.34 5.36
CA PHE A 104 -28.83 10.81 4.09
C PHE A 104 -30.34 10.69 4.10
N LEU A 105 -30.99 11.52 4.92
CA LEU A 105 -32.45 11.49 5.16
C LEU A 105 -33.35 11.28 3.95
N PRO A 106 -33.12 12.02 2.85
CA PRO A 106 -34.09 11.87 1.76
C PRO A 106 -33.76 10.76 0.74
N LEU A 107 -32.68 10.02 0.98
CA LEU A 107 -32.27 8.93 0.09
C LEU A 107 -32.95 7.63 0.47
N THR A 108 -34.27 7.61 0.38
CA THR A 108 -35.06 6.52 0.95
C THR A 108 -35.12 5.32 0.03
N ASN A 109 -34.52 5.43 -1.15
CA ASN A 109 -34.40 4.28 -2.09
C ASN A 109 -33.00 3.75 -2.31
N LEU A 110 -32.04 4.33 -1.61
CA LEU A 110 -30.64 4.02 -1.81
C LEU A 110 -30.30 2.58 -1.41
N GLN A 111 -29.69 1.83 -2.32
CA GLN A 111 -29.29 0.47 -2.00
C GLN A 111 -27.79 0.33 -1.80
N VAL A 112 -27.01 1.03 -2.62
CA VAL A 112 -25.57 0.97 -2.45
C VAL A 112 -24.93 2.36 -2.26
N LEU A 113 -24.07 2.41 -1.25
CA LEU A 113 -23.46 3.66 -0.83
C LEU A 113 -21.95 3.47 -0.63
N ASP A 114 -21.19 4.28 -1.34
CA ASP A 114 -19.73 4.25 -1.28
C ASP A 114 -19.26 5.53 -0.59
N LEU A 115 -18.69 5.37 0.59
CA LEU A 115 -18.16 6.49 1.37
C LEU A 115 -16.66 6.33 1.54
N SER A 116 -16.04 5.47 0.73
CA SER A 116 -14.63 5.14 0.93
C SER A 116 -13.69 6.32 0.67
N HIS A 117 -12.51 6.28 1.28
CA HIS A 117 -11.53 7.36 1.16
C HIS A 117 -12.10 8.72 1.59
N ASN A 118 -12.51 8.78 2.84
CA ASN A 118 -12.82 10.05 3.49
C ASN A 118 -12.27 10.06 4.91
N LYS A 119 -12.63 11.07 5.67
CA LYS A 119 -12.28 11.15 7.07
C LYS A 119 -13.52 11.14 7.96
N LEU A 120 -14.44 10.23 7.68
CA LEU A 120 -15.73 10.21 8.39
C LEU A 120 -15.67 9.49 9.73
N ASP A 121 -16.29 10.10 10.74
CA ASP A 121 -16.46 9.48 12.05
C ASP A 121 -17.81 8.73 12.01
N LEU A 122 -17.73 7.44 11.73
CA LEU A 122 -18.87 6.66 11.26
C LEU A 122 -19.52 5.78 12.31
N TYR A 123 -18.78 5.39 13.35
CA TYR A 123 -19.28 4.34 14.23
C TYR A 123 -20.13 4.89 15.39
N HIS A 124 -21.36 5.29 15.06
CA HIS A 124 -22.31 5.73 16.07
C HIS A 124 -23.55 4.87 15.91
N TRP A 125 -24.21 4.54 17.02
CA TRP A 125 -25.26 3.53 17.00
C TRP A 125 -26.43 3.83 16.05
N LYS A 126 -26.66 5.10 15.74
CA LYS A 126 -27.74 5.51 14.83
C LYS A 126 -27.34 5.70 13.36
N SER A 127 -26.06 5.54 13.06
CA SER A 127 -25.57 5.74 11.69
C SER A 127 -26.29 4.88 10.67
N PHE A 128 -26.64 5.51 9.56
CA PHE A 128 -27.30 4.86 8.41
C PHE A 128 -28.70 4.33 8.72
N SER A 129 -29.21 4.60 9.91
CA SER A 129 -30.59 4.19 10.20
C SER A 129 -31.62 4.98 9.39
N GLU A 130 -31.20 6.09 8.78
CA GLU A 130 -32.10 6.83 7.87
C GLU A 130 -32.09 6.22 6.48
N LEU A 131 -31.35 5.13 6.32
CA LEU A 131 -31.28 4.41 5.05
C LEU A 131 -31.81 2.99 5.21
N PRO A 132 -33.14 2.83 5.28
CA PRO A 132 -33.67 1.50 5.64
C PRO A 132 -33.35 0.35 4.64
N GLN A 133 -33.31 0.68 3.36
CA GLN A 133 -33.12 -0.27 2.25
C GLN A 133 -31.65 -0.50 1.83
N LEU A 134 -30.69 -0.05 2.62
CA LEU A 134 -29.29 -0.16 2.24
C LEU A 134 -28.86 -1.63 2.14
N GLN A 135 -28.28 -2.01 1.00
CA GLN A 135 -27.84 -3.39 0.79
C GLN A 135 -26.34 -3.53 0.81
N ALA A 136 -25.64 -2.51 0.31
CA ALA A 136 -24.19 -2.58 0.25
C ALA A 136 -23.58 -1.23 0.65
N LEU A 137 -22.59 -1.29 1.54
CA LEU A 137 -22.02 -0.10 2.18
C LEU A 137 -20.50 -0.21 2.27
N ASP A 138 -19.80 0.71 1.61
CA ASP A 138 -18.35 0.71 1.62
C ASP A 138 -17.81 1.85 2.47
N LEU A 139 -17.25 1.53 3.63
CA LEU A 139 -16.67 2.51 4.55
C LEU A 139 -15.13 2.49 4.56
N SER A 140 -14.55 1.79 3.56
CA SER A 140 -13.07 1.63 3.39
C SER A 140 -12.31 2.94 3.48
N TYR A 141 -11.08 2.87 3.98
CA TYR A 141 -10.19 4.03 3.98
C TYR A 141 -10.83 5.27 4.65
N ASN A 142 -11.38 5.05 5.84
CA ASN A 142 -11.70 6.14 6.78
C ASN A 142 -10.97 5.92 8.09
N SER A 143 -9.68 5.62 7.96
CA SER A 143 -8.81 5.66 9.11
C SER A 143 -8.69 7.16 9.22
N GLN A 144 -8.28 7.64 10.39
CA GLN A 144 -8.32 9.10 10.66
C GLN A 144 -9.73 9.80 10.68
N PRO A 145 -10.71 9.18 11.38
CA PRO A 145 -12.00 9.88 11.45
C PRO A 145 -11.89 11.25 12.12
N PHE A 146 -12.67 12.20 11.64
CA PHE A 146 -12.72 13.51 12.26
C PHE A 146 -13.67 13.54 13.44
N ILE A 151 -14.75 10.79 18.87
CA ILE A 151 -15.07 9.84 17.79
C ILE A 151 -15.94 8.67 18.26
N GLY A 152 -16.77 8.14 17.35
CA GLY A 152 -17.63 7.00 17.62
C GLY A 152 -16.85 5.68 17.74
N HIS A 153 -17.34 4.80 18.61
CA HIS A 153 -16.68 3.53 18.93
C HIS A 153 -17.63 2.36 18.67
N ASN A 154 -18.80 2.67 18.12
CA ASN A 154 -19.95 1.76 18.22
C ASN A 154 -20.34 1.12 16.89
N PHE A 155 -20.41 -0.21 16.86
CA PHE A 155 -20.68 -0.90 15.60
C PHE A 155 -22.11 -1.40 15.53
N SER A 156 -22.86 -1.17 16.59
CA SER A 156 -24.21 -1.73 16.65
C SER A 156 -25.11 -1.13 15.57
N PHE A 157 -24.65 -0.08 14.90
CA PHE A 157 -25.42 0.44 13.78
C PHE A 157 -25.62 -0.64 12.71
N VAL A 158 -24.64 -1.52 12.51
CA VAL A 158 -24.81 -2.48 11.43
C VAL A 158 -25.90 -3.48 11.77
N THR A 159 -26.14 -3.71 13.05
CA THR A 159 -27.11 -4.73 13.39
C THR A 159 -28.56 -4.27 13.15
N HIS A 160 -28.77 -2.97 12.95
CA HIS A 160 -30.12 -2.50 12.63
C HIS A 160 -30.41 -2.41 11.13
N LEU A 161 -29.38 -2.48 10.28
CA LEU A 161 -29.57 -2.46 8.83
C LEU A 161 -29.94 -3.85 8.32
N SER A 162 -31.24 -4.16 8.32
CA SER A 162 -31.70 -5.53 8.16
C SER A 162 -31.64 -6.02 6.72
N MET A 163 -31.29 -5.13 5.79
CA MET A 163 -31.15 -5.51 4.37
C MET A 163 -29.69 -5.59 3.96
N LEU A 164 -28.81 -5.20 4.86
CA LEU A 164 -27.40 -5.06 4.50
C LEU A 164 -26.79 -6.42 4.19
N GLN A 165 -26.27 -6.59 2.97
CA GLN A 165 -25.61 -7.85 2.61
C GLN A 165 -24.10 -7.74 2.57
N SER A 166 -23.61 -6.59 2.10
CA SER A 166 -22.18 -6.42 1.93
C SER A 166 -21.69 -5.15 2.65
N LEU A 167 -20.65 -5.33 3.47
CA LEU A 167 -20.06 -4.24 4.26
C LEU A 167 -18.54 -4.26 4.12
N SER A 168 -17.93 -3.11 3.87
CA SER A 168 -16.49 -3.02 3.97
C SER A 168 -16.04 -2.03 5.04
N LEU A 169 -15.24 -2.52 5.98
CA LEU A 169 -14.59 -1.70 6.98
C LEU A 169 -13.09 -1.66 6.72
N ALA A 170 -12.68 -1.98 5.49
CA ALA A 170 -11.26 -2.21 5.19
C ALA A 170 -10.37 -0.97 5.35
N HIS A 171 -9.17 -1.17 5.88
CA HIS A 171 -8.18 -0.08 5.99
C HIS A 171 -8.64 1.09 6.85
N ASN A 172 -9.29 0.77 7.97
CA ASN A 172 -9.83 1.81 8.81
C ASN A 172 -9.07 1.93 10.12
N ASP A 173 -7.91 1.27 10.18
CA ASP A 173 -7.06 1.28 11.38
C ASP A 173 -7.87 0.82 12.60
N ILE A 174 -8.80 -0.10 12.38
CA ILE A 174 -9.57 -0.64 13.50
C ILE A 174 -8.72 -1.60 14.37
N HIS A 175 -8.43 -1.22 15.62
CA HIS A 175 -7.57 -2.05 16.49
C HIS A 175 -7.81 -1.96 18.02
N THR A 176 -8.38 -0.86 18.51
CA THR A 176 -8.74 -0.77 19.92
C THR A 176 -10.04 0.00 20.11
N ARG A 177 -10.58 -0.11 21.33
CA ARG A 177 -11.73 0.65 21.81
C ARG A 177 -12.91 0.68 20.85
N VAL A 178 -13.39 -0.50 20.46
CA VAL A 178 -14.59 -0.61 19.63
C VAL A 178 -15.44 -1.73 20.18
N SER A 179 -16.68 -1.81 19.70
CA SER A 179 -17.57 -2.89 20.11
C SER A 179 -16.85 -4.23 19.98
N SER A 180 -17.04 -5.06 21.01
CA SER A 180 -16.45 -6.39 21.08
C SER A 180 -17.12 -7.42 20.17
N HIS A 181 -18.33 -7.10 19.72
CA HIS A 181 -19.08 -8.01 18.86
C HIS A 181 -19.66 -7.28 17.64
N LEU A 182 -19.57 -7.89 16.45
CA LEU A 182 -20.32 -7.44 15.30
C LEU A 182 -21.55 -8.37 15.22
N ASN A 183 -22.73 -7.78 15.00
CA ASN A 183 -23.96 -8.57 14.94
C ASN A 183 -24.78 -8.28 13.72
N SER A 184 -25.29 -9.34 13.07
CA SER A 184 -26.19 -9.14 11.93
C SER A 184 -26.82 -10.45 11.56
N ASN A 185 -27.95 -10.40 10.88
CA ASN A 185 -28.52 -11.60 10.28
C ASN A 185 -28.47 -11.58 8.77
N SER A 186 -28.05 -10.44 8.21
CA SER A 186 -28.13 -10.27 6.77
C SER A 186 -26.77 -10.16 6.03
N VAL A 187 -25.73 -9.65 6.69
CA VAL A 187 -24.47 -9.51 5.96
C VAL A 187 -23.89 -10.86 5.55
N ARG A 188 -23.50 -10.94 4.29
CA ARG A 188 -23.00 -12.16 3.68
C ARG A 188 -21.51 -12.02 3.40
N PHE A 189 -21.09 -10.80 3.08
CA PHE A 189 -19.70 -10.50 2.80
C PHE A 189 -19.18 -9.33 3.64
N LEU A 190 -18.15 -9.61 4.44
CA LEU A 190 -17.47 -8.60 5.23
C LEU A 190 -16.02 -8.47 4.82
N ASP A 191 -15.63 -7.27 4.38
CA ASP A 191 -14.23 -6.99 4.11
C ASP A 191 -13.60 -6.30 5.32
N PHE A 192 -12.72 -7.02 6.03
CA PHE A 192 -12.06 -6.42 7.17
C PHE A 192 -10.56 -6.25 6.92
N SER A 193 -10.20 -6.24 5.63
CA SER A 193 -8.84 -6.12 5.16
C SER A 193 -8.14 -4.87 5.70
N GLY A 194 -6.85 -4.97 6.00
CA GLY A 194 -6.06 -3.79 6.29
C GLY A 194 -6.23 -3.20 7.67
N ASN A 195 -6.94 -3.92 8.54
CA ASN A 195 -7.13 -3.45 9.90
C ASN A 195 -6.14 -4.08 10.89
N GLY A 196 -6.43 -4.03 12.19
CA GLY A 196 -5.50 -4.59 13.18
C GLY A 196 -6.03 -5.78 13.98
N MET A 197 -6.60 -6.76 13.29
CA MET A 197 -7.18 -7.93 13.96
C MET A 197 -6.10 -8.67 14.76
N GLY A 198 -4.86 -8.55 14.29
CA GLY A 198 -3.71 -9.14 14.97
C GLY A 198 -3.54 -8.63 16.38
N ARG A 199 -3.56 -7.31 16.53
CA ARG A 199 -3.51 -6.70 17.85
C ARG A 199 -4.77 -7.06 18.63
N MET A 200 -5.92 -7.05 17.97
CA MET A 200 -7.19 -7.32 18.65
C MET A 200 -7.24 -8.73 19.22
N TRP A 201 -6.77 -9.71 18.44
CA TRP A 201 -6.79 -11.10 18.90
C TRP A 201 -5.71 -11.38 19.93
N ASP A 202 -4.75 -10.47 20.06
CA ASP A 202 -3.76 -10.58 21.13
C ASP A 202 -4.29 -10.03 22.44
N GLU A 203 -5.39 -9.27 22.38
CA GLU A 203 -5.84 -8.60 23.60
C GLU A 203 -6.77 -9.45 24.46
N GLY A 204 -6.23 -10.54 25.00
CA GLY A 204 -7.02 -11.37 25.88
C GLY A 204 -8.19 -11.99 25.14
N GLY A 205 -9.35 -12.07 25.79
CA GLY A 205 -10.56 -12.58 25.18
C GLY A 205 -11.50 -11.48 24.70
N LEU A 206 -11.00 -10.25 24.71
CA LEU A 206 -11.80 -9.06 24.42
C LEU A 206 -12.50 -9.12 23.07
N TYR A 207 -11.80 -9.64 22.07
CA TYR A 207 -12.36 -9.67 20.73
C TYR A 207 -12.54 -11.09 20.25
N LEU A 208 -12.54 -12.03 21.19
CA LEU A 208 -12.58 -13.46 20.88
C LEU A 208 -13.83 -13.90 20.10
N HIS A 209 -14.88 -13.08 20.15
CA HIS A 209 -16.16 -13.42 19.52
C HIS A 209 -16.62 -12.34 18.54
N PHE A 210 -15.67 -11.50 18.11
CA PHE A 210 -15.94 -10.31 17.28
C PHE A 210 -16.86 -10.54 16.08
N PHE A 211 -16.62 -11.61 15.33
CA PHE A 211 -17.35 -11.86 14.09
C PHE A 211 -18.47 -12.86 14.32
N GLN A 212 -18.51 -13.47 15.49
CA GLN A 212 -19.40 -14.61 15.70
C GLN A 212 -20.88 -14.32 15.46
N GLY A 213 -21.30 -13.13 15.84
CA GLY A 213 -22.70 -12.74 15.69
C GLY A 213 -23.09 -12.36 14.28
N LEU A 214 -22.19 -12.54 13.30
CA LEU A 214 -22.54 -12.30 11.89
C LEU A 214 -23.15 -13.54 11.27
N SER A 215 -24.42 -13.77 11.59
CA SER A 215 -25.06 -15.07 11.44
C SER A 215 -24.95 -15.84 10.13
N GLY A 216 -25.37 -15.29 9.01
CA GLY A 216 -25.18 -16.10 7.81
C GLY A 216 -23.97 -15.72 6.95
N LEU A 217 -22.93 -15.15 7.56
CA LEU A 217 -21.71 -14.72 6.85
C LEU A 217 -21.12 -15.80 5.94
N LEU A 218 -20.75 -15.41 4.74
CA LEU A 218 -20.30 -16.32 3.69
C LEU A 218 -18.83 -16.08 3.36
N LYS A 219 -18.41 -14.81 3.34
CA LYS A 219 -17.04 -14.44 3.04
C LYS A 219 -16.49 -13.44 4.05
N LEU A 220 -15.28 -13.69 4.52
CA LEU A 220 -14.62 -12.78 5.44
C LEU A 220 -13.23 -12.56 4.89
N ASP A 221 -12.88 -11.30 4.65
CA ASP A 221 -11.53 -10.97 4.20
C ASP A 221 -10.77 -10.40 5.38
N LEU A 222 -9.74 -11.15 5.82
CA LEU A 222 -8.85 -10.74 6.92
C LEU A 222 -7.44 -10.50 6.41
N SER A 223 -7.32 -10.25 5.12
CA SER A 223 -6.00 -9.98 4.58
C SER A 223 -5.37 -8.70 5.15
N GLN A 224 -4.05 -8.67 5.20
CA GLN A 224 -3.30 -7.48 5.60
C GLN A 224 -3.72 -7.06 7.01
N ASN A 225 -3.88 -8.02 7.90
CA ASN A 225 -4.22 -7.65 9.26
C ASN A 225 -3.08 -7.76 10.26
N ASN A 226 -1.86 -7.86 9.75
CA ASN A 226 -0.69 -8.11 10.60
C ASN A 226 -0.86 -9.29 11.53
N LEU A 227 -1.47 -10.36 11.01
CA LEU A 227 -1.56 -11.61 11.76
C LEU A 227 -0.23 -12.38 11.73
N HIS A 228 0.37 -12.59 12.91
CA HIS A 228 1.58 -13.41 13.00
C HIS A 228 1.26 -14.81 13.53
N ILE A 229 0.15 -14.95 14.26
CA ILE A 229 -0.37 -16.24 14.68
C ILE A 229 -1.89 -16.32 14.57
N LEU A 230 -2.41 -17.54 14.67
CA LEU A 230 -3.84 -17.78 14.56
C LEU A 230 -4.22 -18.83 15.58
N ARG A 231 -4.77 -18.40 16.70
CA ARG A 231 -5.23 -19.34 17.70
C ARG A 231 -6.49 -20.05 17.19
N PRO A 232 -6.61 -21.36 17.42
CA PRO A 232 -7.78 -22.13 16.94
C PRO A 232 -9.15 -21.64 17.46
N GLN A 233 -9.21 -21.12 18.68
CA GLN A 233 -10.47 -20.58 19.19
C GLN A 233 -10.96 -19.44 18.32
N ASN A 234 -10.03 -18.65 17.79
CA ASN A 234 -10.42 -17.54 16.94
C ASN A 234 -11.12 -18.01 15.68
N LEU A 235 -10.67 -19.12 15.12
CA LEU A 235 -11.31 -19.71 13.94
C LEU A 235 -12.63 -20.38 14.32
N ASP A 236 -12.63 -21.04 15.47
CA ASP A 236 -13.80 -21.73 15.97
C ASP A 236 -14.98 -20.76 16.22
N ASN A 237 -14.66 -19.50 16.50
CA ASN A 237 -15.69 -18.50 16.79
C ASN A 237 -16.07 -17.66 15.58
N LEU A 238 -15.61 -18.05 14.39
CA LEU A 238 -16.10 -17.42 13.18
C LEU A 238 -17.46 -18.02 12.89
N PRO A 239 -18.31 -17.30 12.13
CA PRO A 239 -19.63 -17.87 11.86
C PRO A 239 -19.55 -19.20 11.12
N LYS A 240 -20.34 -20.19 11.55
CA LYS A 240 -20.25 -21.56 11.04
C LYS A 240 -20.73 -21.72 9.59
N SER A 241 -21.33 -20.68 9.03
CA SER A 241 -21.78 -20.72 7.63
C SER A 241 -20.67 -20.31 6.64
N LEU A 242 -19.56 -19.79 7.18
CA LEU A 242 -18.49 -19.23 6.37
C LEU A 242 -18.04 -20.19 5.25
N LYS A 243 -18.02 -19.68 4.02
CA LYS A 243 -17.57 -20.45 2.86
C LYS A 243 -16.20 -19.98 2.38
N LEU A 244 -15.89 -18.72 2.64
CA LEU A 244 -14.64 -18.15 2.16
C LEU A 244 -13.92 -17.34 3.24
N LEU A 245 -12.67 -17.72 3.48
CA LEU A 245 -11.84 -16.98 4.42
C LEU A 245 -10.57 -16.52 3.71
N SER A 246 -10.27 -15.23 3.75
CA SER A 246 -9.03 -14.77 3.16
C SER A 246 -8.04 -14.27 4.21
N LEU A 247 -6.85 -14.88 4.25
CA LEU A 247 -5.81 -14.49 5.19
C LEU A 247 -4.57 -13.98 4.47
N ARG A 248 -4.79 -13.53 3.24
CA ARG A 248 -3.77 -13.07 2.31
C ARG A 248 -2.88 -11.94 2.87
N ASP A 249 -1.59 -12.01 2.60
CA ASP A 249 -0.65 -10.94 2.99
C ASP A 249 -0.67 -10.61 4.49
N ASN A 250 -0.65 -11.66 5.30
CA ASN A 250 -0.31 -11.52 6.69
C ASN A 250 1.14 -12.02 6.90
N TYR A 251 1.46 -12.49 8.10
CA TYR A 251 2.80 -12.96 8.41
C TYR A 251 2.75 -14.33 9.09
N LEU A 252 1.86 -15.21 8.65
CA LEU A 252 1.77 -16.53 9.25
C LEU A 252 2.95 -17.40 8.81
N SER A 253 3.67 -17.96 9.79
CA SER A 253 4.82 -18.84 9.54
C SER A 253 4.43 -20.29 9.73
N PHE A 254 3.26 -20.48 10.34
CA PHE A 254 2.73 -21.76 10.76
C PHE A 254 1.23 -21.68 10.50
N PHE A 255 0.60 -22.82 10.33
CA PHE A 255 -0.85 -22.85 10.23
C PHE A 255 -1.36 -24.22 10.69
N ASN A 256 -2.25 -24.20 11.68
CA ASN A 256 -2.78 -25.45 12.20
C ASN A 256 -3.89 -25.99 11.29
N TRP A 257 -3.52 -26.90 10.40
CA TRP A 257 -4.46 -27.41 9.40
C TRP A 257 -5.68 -28.10 9.99
N THR A 258 -5.55 -28.69 11.16
CA THR A 258 -6.69 -29.40 11.73
C THR A 258 -7.72 -28.40 12.28
N SER A 259 -7.36 -27.13 12.33
CA SER A 259 -8.31 -26.06 12.70
C SER A 259 -9.40 -25.90 11.65
N LEU A 260 -9.14 -26.36 10.44
CA LEU A 260 -10.11 -26.22 9.37
C LEU A 260 -11.40 -26.97 9.73
N SER A 261 -11.31 -27.92 10.65
CA SER A 261 -12.50 -28.62 11.15
C SER A 261 -13.46 -27.72 11.93
N PHE A 262 -12.95 -26.60 12.44
CA PHE A 262 -13.80 -25.62 13.11
C PHE A 262 -14.63 -24.82 12.10
N LEU A 263 -14.24 -24.92 10.83
CA LEU A 263 -14.91 -24.22 9.73
C LEU A 263 -15.52 -25.25 8.77
N PRO A 264 -16.65 -25.85 9.18
CA PRO A 264 -17.23 -27.01 8.48
C PRO A 264 -17.71 -26.73 7.04
N ASN A 265 -18.08 -25.50 6.73
CA ASN A 265 -18.55 -25.20 5.37
C ASN A 265 -17.56 -24.47 4.48
N LEU A 266 -16.32 -24.36 4.92
CA LEU A 266 -15.30 -23.63 4.16
C LEU A 266 -15.08 -24.29 2.79
N GLU A 267 -15.02 -23.46 1.74
CA GLU A 267 -14.78 -23.95 0.40
C GLU A 267 -13.53 -23.32 -0.20
N VAL A 268 -13.22 -22.11 0.24
CA VAL A 268 -12.10 -21.37 -0.31
C VAL A 268 -11.26 -20.80 0.84
N LEU A 269 -9.98 -21.15 0.86
CA LEU A 269 -9.03 -20.63 1.85
C LEU A 269 -7.86 -19.95 1.16
N ASP A 270 -7.70 -18.66 1.37
CA ASP A 270 -6.61 -17.92 0.73
C ASP A 270 -5.52 -17.61 1.76
N LEU A 271 -4.38 -18.27 1.63
CA LEU A 271 -3.24 -18.05 2.51
C LEU A 271 -2.05 -17.44 1.81
N ALA A 272 -2.25 -16.97 0.57
CA ALA A 272 -1.18 -16.36 -0.21
C ALA A 272 -0.47 -15.21 0.51
N GLY A 273 0.82 -15.05 0.20
CA GLY A 273 1.57 -13.88 0.63
C GLY A 273 1.91 -13.91 2.10
N ASN A 274 1.75 -15.08 2.71
CA ASN A 274 2.28 -15.28 4.05
C ASN A 274 3.71 -15.80 4.04
N GLN A 275 4.09 -16.50 5.10
CA GLN A 275 5.46 -16.96 5.27
C GLN A 275 5.55 -18.44 5.61
N LEU A 276 4.63 -19.26 5.10
CA LEU A 276 4.70 -20.69 5.35
C LEU A 276 6.02 -21.25 4.81
N LYS A 277 6.59 -22.20 5.53
CA LYS A 277 7.89 -22.74 5.14
C LYS A 277 7.69 -24.08 4.44
N ALA A 278 6.50 -24.63 4.57
CA ALA A 278 6.15 -25.92 4.00
C ALA A 278 4.67 -26.15 4.22
N LEU A 279 4.10 -27.13 3.53
CA LEU A 279 2.80 -27.65 3.92
C LEU A 279 3.06 -28.78 4.90
N THR A 280 3.02 -28.45 6.18
CA THR A 280 3.40 -29.39 7.23
C THR A 280 2.59 -29.08 8.49
N ASN A 281 2.98 -29.69 9.61
CA ASN A 281 2.27 -29.57 10.89
C ASN A 281 0.84 -30.10 10.81
N GLY A 282 0.70 -31.25 10.19
CA GLY A 282 -0.62 -31.85 10.03
C GLY A 282 -1.01 -31.92 8.57
N THR A 283 -2.19 -32.45 8.31
CA THR A 283 -2.71 -32.54 6.95
C THR A 283 -4.10 -31.91 6.89
N LEU A 284 -4.61 -31.67 5.68
CA LEU A 284 -5.99 -31.22 5.55
C LEU A 284 -6.90 -32.27 6.19
N PRO A 285 -7.80 -31.86 7.10
CA PRO A 285 -8.57 -32.77 7.98
C PRO A 285 -9.73 -33.53 7.31
N ASN A 286 -10.01 -34.73 7.82
CA ASN A 286 -11.14 -35.55 7.37
C ASN A 286 -12.45 -34.77 7.34
N GLY A 287 -13.17 -34.82 6.21
CA GLY A 287 -14.48 -34.19 6.11
C GLY A 287 -14.50 -32.76 5.59
N THR A 288 -13.33 -32.16 5.40
CA THR A 288 -13.25 -30.78 4.91
C THR A 288 -13.90 -30.68 3.54
N LEU A 289 -14.63 -29.59 3.33
CA LEU A 289 -15.32 -29.40 2.06
C LEU A 289 -14.53 -28.45 1.18
N LEU A 290 -13.26 -28.22 1.55
CA LEU A 290 -12.38 -27.29 0.86
C LEU A 290 -12.30 -27.58 -0.64
N GLN A 291 -12.33 -26.54 -1.46
CA GLN A 291 -12.34 -26.71 -2.90
C GLN A 291 -11.17 -26.00 -3.54
N LYS A 292 -10.77 -24.89 -2.93
CA LYS A 292 -9.72 -24.05 -3.48
C LYS A 292 -8.79 -23.65 -2.35
N LEU A 293 -7.50 -23.87 -2.55
CA LEU A 293 -6.50 -23.57 -1.54
C LEU A 293 -5.43 -22.74 -2.22
N ASP A 294 -5.38 -21.45 -1.90
CA ASP A 294 -4.37 -20.58 -2.47
C ASP A 294 -3.29 -20.39 -1.43
N VAL A 295 -2.11 -20.90 -1.77
CA VAL A 295 -1.03 -20.94 -0.84
C VAL A 295 0.22 -20.45 -1.63
N SER A 296 -0.07 -19.71 -2.70
CA SER A 296 0.97 -19.04 -3.48
C SER A 296 1.75 -17.99 -2.69
N SER A 297 2.89 -17.58 -3.24
CA SER A 297 3.71 -16.54 -2.63
C SER A 297 4.02 -16.73 -1.15
N ASN A 298 4.26 -17.97 -0.74
CA ASN A 298 4.84 -18.20 0.59
C ASN A 298 6.34 -18.50 0.49
N SER A 299 6.89 -19.26 1.42
CA SER A 299 8.24 -19.78 1.24
C SER A 299 8.20 -21.29 1.39
N ILE A 300 7.26 -21.91 0.70
CA ILE A 300 7.06 -23.34 0.80
C ILE A 300 8.18 -24.12 0.08
N VAL A 301 8.90 -24.94 0.84
CA VAL A 301 10.05 -25.66 0.30
C VAL A 301 9.66 -27.11 -0.01
N SER A 302 8.70 -27.65 0.75
CA SER A 302 8.27 -29.04 0.61
C SER A 302 6.82 -29.27 1.10
N VAL A 303 6.24 -30.40 0.70
CA VAL A 303 4.90 -30.77 1.13
C VAL A 303 4.93 -32.12 1.84
N VAL A 304 4.31 -32.23 3.02
CA VAL A 304 4.34 -33.51 3.74
C VAL A 304 3.53 -34.56 3.00
N PRO A 305 3.90 -35.84 3.15
CA PRO A 305 3.11 -36.88 2.47
C PRO A 305 1.61 -36.87 2.83
N ALA A 306 0.79 -37.14 1.82
CA ALA A 306 -0.66 -37.24 1.97
C ALA A 306 -1.34 -35.97 2.49
N PHE A 307 -0.70 -34.82 2.34
CA PHE A 307 -1.24 -33.58 2.85
C PHE A 307 -2.62 -33.30 2.28
N PHE A 308 -2.75 -33.45 0.97
CA PHE A 308 -3.95 -33.13 0.25
C PHE A 308 -4.91 -34.28 0.19
N ALA A 309 -4.41 -35.49 0.46
CA ALA A 309 -5.25 -36.67 0.43
C ALA A 309 -6.42 -36.38 1.33
N LEU A 310 -7.53 -37.04 1.12
CA LEU A 310 -8.57 -36.98 2.16
C LEU A 310 -9.34 -35.62 2.20
N ALA A 311 -8.92 -34.64 1.39
CA ALA A 311 -9.78 -33.50 1.04
C ALA A 311 -10.47 -33.76 -0.30
N VAL A 312 -11.49 -34.61 -0.26
CA VAL A 312 -12.14 -35.17 -1.44
C VAL A 312 -12.80 -34.13 -2.37
N GLU A 313 -13.08 -32.94 -1.85
CA GLU A 313 -13.74 -31.91 -2.67
C GLU A 313 -12.74 -30.96 -3.33
N LEU A 314 -11.46 -31.19 -3.10
CA LEU A 314 -10.43 -30.26 -3.56
C LEU A 314 -10.41 -30.20 -5.07
N LYS A 315 -10.41 -28.98 -5.59
CA LYS A 315 -10.62 -28.67 -7.00
C LYS A 315 -9.45 -27.86 -7.59
N GLU A 316 -8.90 -26.95 -6.80
CA GLU A 316 -7.75 -26.18 -7.26
C GLU A 316 -6.74 -25.85 -6.18
N VAL A 317 -5.47 -26.09 -6.48
CA VAL A 317 -4.44 -25.65 -5.57
C VAL A 317 -3.38 -24.81 -6.29
N ASN A 318 -3.13 -23.64 -5.69
CA ASN A 318 -2.17 -22.70 -6.23
C ASN A 318 -0.93 -22.74 -5.32
N LEU A 319 0.11 -23.40 -5.83
CA LEU A 319 1.40 -23.50 -5.15
C LEU A 319 2.46 -22.60 -5.81
N SER A 320 1.98 -21.70 -6.67
CA SER A 320 2.79 -20.74 -7.42
C SER A 320 3.70 -19.87 -6.55
N HIS A 321 4.80 -19.40 -7.12
CA HIS A 321 5.67 -18.44 -6.41
C HIS A 321 6.10 -18.92 -5.04
N ASN A 322 6.67 -20.10 -4.97
CA ASN A 322 7.29 -20.57 -3.75
C ASN A 322 8.74 -20.93 -4.03
N ILE A 323 9.28 -21.84 -3.23
CA ILE A 323 10.62 -22.35 -3.45
C ILE A 323 10.58 -23.88 -3.48
N LEU A 324 9.51 -24.43 -4.07
CA LEU A 324 9.35 -25.89 -4.14
C LEU A 324 10.53 -26.61 -4.81
N LYS A 325 11.22 -27.45 -4.07
CA LYS A 325 12.38 -28.15 -4.64
C LYS A 325 11.99 -29.38 -5.46
N THR A 326 10.99 -30.12 -4.99
CA THR A 326 10.59 -31.36 -5.63
C THR A 326 9.10 -31.60 -5.56
N VAL A 327 8.65 -32.53 -6.41
CA VAL A 327 7.27 -32.96 -6.41
C VAL A 327 7.27 -34.46 -6.11
N ASP A 328 6.69 -34.86 -4.97
CA ASP A 328 6.81 -36.25 -4.52
C ASP A 328 5.55 -37.06 -4.77
N ARG A 329 5.72 -38.37 -4.92
CA ARG A 329 4.61 -39.28 -5.03
C ARG A 329 3.84 -39.27 -3.71
N SER A 330 4.60 -39.21 -2.63
CA SER A 330 4.05 -39.23 -1.29
C SER A 330 3.01 -38.13 -1.03
N TRP A 331 3.06 -37.05 -1.80
CA TRP A 331 2.12 -35.97 -1.62
C TRP A 331 1.38 -35.66 -2.91
N PHE A 332 1.92 -36.10 -4.04
CA PHE A 332 1.13 -36.14 -5.25
C PHE A 332 0.25 -37.39 -5.22
N GLY A 333 -0.64 -37.42 -4.23
CA GLY A 333 -1.51 -38.53 -3.93
C GLY A 333 -2.99 -38.17 -4.05
N PRO A 334 -3.72 -39.09 -4.75
CA PRO A 334 -4.98 -39.19 -5.50
C PRO A 334 -5.87 -37.95 -5.54
N ILE A 335 -5.97 -37.21 -4.45
CA ILE A 335 -6.68 -35.95 -4.47
C ILE A 335 -6.03 -34.98 -5.47
N VAL A 336 -4.72 -34.78 -5.33
CA VAL A 336 -4.01 -33.87 -6.22
C VAL A 336 -4.02 -34.37 -7.68
N MET A 337 -4.07 -35.68 -7.89
CA MET A 337 -4.28 -36.22 -9.24
C MET A 337 -5.66 -35.86 -9.83
N ASN A 338 -6.61 -35.49 -8.96
CA ASN A 338 -7.98 -35.22 -9.39
C ASN A 338 -8.41 -33.74 -9.47
N LEU A 339 -7.42 -32.86 -9.34
CA LEU A 339 -7.58 -31.42 -9.48
C LEU A 339 -8.11 -30.94 -10.84
N LYS A 340 -8.84 -29.83 -10.84
CA LYS A 340 -9.20 -29.16 -12.08
C LYS A 340 -8.04 -28.23 -12.48
N GLU A 341 -7.49 -27.53 -11.50
CA GLU A 341 -6.41 -26.57 -11.74
C GLU A 341 -5.28 -26.77 -10.74
N LEU A 342 -4.04 -26.74 -11.24
CA LEU A 342 -2.86 -26.93 -10.41
C LEU A 342 -1.75 -25.96 -10.87
N ALA A 343 -1.36 -25.05 -9.98
CA ALA A 343 -0.29 -24.11 -10.32
C ALA A 343 1.01 -24.43 -9.57
N LEU A 344 2.10 -24.63 -10.33
CA LEU A 344 3.37 -25.08 -9.76
C LEU A 344 4.48 -24.20 -10.31
N ASP A 345 4.08 -23.15 -11.02
CA ASP A 345 5.01 -22.26 -11.69
C ASP A 345 5.81 -21.45 -10.68
N THR A 346 6.92 -20.87 -11.15
CA THR A 346 7.75 -19.98 -10.35
C THR A 346 8.28 -20.68 -9.09
N ASN A 347 9.11 -21.71 -9.25
CA ASN A 347 9.32 -22.59 -8.11
C ASN A 347 10.59 -23.38 -7.81
N GLN A 348 11.64 -23.32 -8.61
CA GLN A 348 12.82 -24.21 -8.37
C GLN A 348 12.72 -25.74 -8.67
N LEU A 349 11.69 -26.18 -9.42
CA LEU A 349 11.58 -27.59 -9.81
C LEU A 349 12.53 -27.92 -10.97
N LYS A 350 13.30 -29.00 -10.86
CA LYS A 350 14.20 -29.39 -11.95
C LYS A 350 13.61 -30.54 -12.76
N SER A 351 12.81 -31.36 -12.09
CA SER A 351 12.31 -32.57 -12.70
C SER A 351 11.01 -32.97 -12.05
N VAL A 352 10.45 -34.07 -12.53
CA VAL A 352 9.18 -34.55 -12.04
C VAL A 352 9.28 -36.08 -12.18
N PRO A 353 8.71 -36.82 -11.22
CA PRO A 353 8.78 -38.29 -11.31
C PRO A 353 7.99 -38.81 -12.51
N ASP A 354 8.49 -39.85 -13.17
CA ASP A 354 7.80 -40.42 -14.31
C ASP A 354 6.38 -40.85 -13.95
N GLY A 355 5.46 -40.63 -14.88
CA GLY A 355 4.08 -41.07 -14.77
C GLY A 355 3.19 -40.29 -13.82
N ILE A 356 3.75 -39.28 -13.18
CA ILE A 356 3.02 -38.58 -12.14
C ILE A 356 1.78 -37.83 -12.68
N PHE A 357 1.81 -37.39 -13.94
CA PHE A 357 0.67 -36.64 -14.46
C PHE A 357 -0.28 -37.51 -15.27
N ASP A 358 -0.19 -38.83 -15.09
CA ASP A 358 -0.92 -39.73 -15.98
C ASP A 358 -2.42 -39.88 -15.73
N ARG A 359 -2.84 -39.86 -14.48
CA ARG A 359 -4.26 -40.04 -14.23
C ARG A 359 -4.94 -38.75 -13.80
N LEU A 360 -4.47 -37.62 -14.32
CA LEU A 360 -5.08 -36.30 -14.06
C LEU A 360 -6.36 -36.10 -14.89
N THR A 361 -7.40 -36.85 -14.54
CA THR A 361 -8.54 -36.98 -15.41
C THR A 361 -9.47 -35.78 -15.39
N SER A 362 -9.35 -34.92 -14.38
CA SER A 362 -10.19 -33.73 -14.33
C SER A 362 -9.41 -32.44 -14.66
N LEU A 363 -8.10 -32.58 -14.88
CA LEU A 363 -7.25 -31.41 -15.13
C LEU A 363 -7.68 -30.55 -16.31
N GLN A 364 -7.81 -29.25 -16.09
CA GLN A 364 -8.12 -28.37 -17.20
C GLN A 364 -6.98 -27.38 -17.42
N LYS A 365 -6.34 -26.95 -16.33
CA LYS A 365 -5.20 -26.06 -16.43
C LYS A 365 -4.05 -26.47 -15.49
N ILE A 366 -2.81 -26.44 -15.99
CA ILE A 366 -1.64 -26.66 -15.14
C ILE A 366 -0.56 -25.62 -15.41
N TRP A 367 0.06 -25.10 -14.37
CA TRP A 367 1.12 -24.12 -14.56
C TRP A 367 2.46 -24.70 -14.15
N LEU A 368 3.45 -24.63 -15.03
CA LEU A 368 4.76 -25.23 -14.78
C LEU A 368 5.96 -24.34 -15.10
N HIS A 369 5.69 -23.15 -15.65
CA HIS A 369 6.78 -22.28 -16.12
C HIS A 369 7.56 -21.66 -14.98
N THR A 370 8.62 -20.94 -15.33
CA THR A 370 9.48 -20.26 -14.36
C THR A 370 9.99 -21.30 -13.35
N ASN A 371 10.42 -22.42 -13.90
CA ASN A 371 11.11 -23.46 -13.16
C ASN A 371 12.35 -23.86 -13.95
N PRO A 372 13.45 -24.17 -13.25
CA PRO A 372 14.72 -24.56 -13.87
C PRO A 372 14.69 -26.01 -14.33
N TRP A 373 13.83 -26.32 -15.31
CA TRP A 373 13.67 -27.70 -15.75
C TRP A 373 14.95 -28.23 -16.39
N ASP A 374 15.37 -29.42 -15.97
CA ASP A 374 16.54 -30.09 -16.54
C ASP A 374 16.12 -30.87 -17.77
N CYS A 375 16.55 -30.40 -18.94
CA CYS A 375 16.12 -31.00 -20.20
C CYS A 375 17.08 -32.06 -20.78
N SER A 376 18.06 -32.51 -20.00
CA SER A 376 18.90 -33.64 -20.42
C SER A 376 18.01 -34.87 -20.62
N CYS A 377 18.40 -35.75 -21.55
CA CYS A 377 17.34 -36.56 -22.15
C CYS A 377 16.74 -37.75 -21.43
N PRO A 378 17.54 -38.69 -20.96
CA PRO A 378 16.75 -39.72 -20.27
C PRO A 378 16.19 -39.25 -18.93
N ARG A 379 15.85 -37.96 -18.82
CA ARG A 379 15.28 -37.42 -17.59
C ARG A 379 13.98 -36.69 -17.80
N ILE A 380 13.91 -35.75 -18.76
CA ILE A 380 12.65 -35.04 -19.02
C ILE A 380 11.82 -35.77 -20.06
N ASP A 381 12.22 -36.97 -20.43
CA ASP A 381 11.48 -37.66 -21.50
C ASP A 381 9.99 -37.72 -21.19
N TYR A 382 9.63 -38.22 -20.02
CA TYR A 382 8.23 -38.31 -19.64
C TYR A 382 7.55 -36.92 -19.72
N LEU A 383 8.16 -35.92 -19.08
CA LEU A 383 7.57 -34.58 -19.00
C LEU A 383 7.49 -33.90 -20.39
N SER A 384 8.53 -34.11 -21.21
CA SER A 384 8.54 -33.63 -22.60
C SER A 384 7.32 -34.17 -23.28
N ARG A 385 7.20 -35.49 -23.22
CA ARG A 385 6.13 -36.21 -23.90
C ARG A 385 4.80 -35.71 -23.42
N TRP A 386 4.64 -35.65 -22.10
CA TRP A 386 3.35 -35.31 -21.52
C TRP A 386 2.92 -33.89 -21.88
N LEU A 387 3.84 -32.95 -21.76
CA LEU A 387 3.59 -31.55 -22.09
C LEU A 387 3.31 -31.40 -23.59
N ASN A 388 3.87 -32.30 -24.39
CA ASN A 388 3.65 -32.33 -25.84
C ASN A 388 2.26 -32.86 -26.16
N LYS A 389 1.80 -33.84 -25.38
CA LYS A 389 0.46 -34.43 -25.55
C LYS A 389 -0.64 -33.49 -25.01
N ASN A 390 -0.36 -32.84 -23.89
CA ASN A 390 -1.33 -32.01 -23.18
C ASN A 390 -1.14 -30.50 -23.32
N SER A 391 -0.60 -30.07 -24.47
CA SER A 391 -0.38 -28.65 -24.78
C SER A 391 -1.54 -27.71 -24.42
N GLN A 392 -2.76 -28.18 -24.66
CA GLN A 392 -3.94 -27.36 -24.44
C GLN A 392 -4.13 -27.08 -22.96
N LYS A 393 -3.60 -27.95 -22.10
CA LYS A 393 -3.79 -27.80 -20.67
C LYS A 393 -2.74 -26.89 -20.01
N GLU A 394 -1.56 -26.79 -20.61
CA GLU A 394 -0.50 -25.99 -20.00
C GLU A 394 -0.79 -24.49 -20.13
N GLN A 395 -0.66 -23.75 -19.04
CA GLN A 395 -0.78 -22.30 -19.09
C GLN A 395 0.62 -21.71 -19.08
N GLY A 396 0.95 -20.90 -20.08
CA GLY A 396 2.31 -20.42 -20.23
C GLY A 396 3.14 -21.61 -20.71
N SER A 397 4.46 -21.49 -20.66
CA SER A 397 5.27 -22.61 -21.12
C SER A 397 6.52 -22.85 -20.28
N ALA A 398 6.64 -24.07 -19.79
CA ALA A 398 7.83 -24.52 -19.10
C ALA A 398 9.02 -24.51 -20.07
N LYS A 399 10.13 -23.94 -19.61
CA LYS A 399 11.31 -23.78 -20.43
C LYS A 399 12.51 -24.51 -19.82
N CYS A 400 13.41 -25.03 -20.66
CA CYS A 400 14.60 -25.72 -20.20
C CYS A 400 15.59 -24.72 -19.56
N SER A 401 16.27 -25.10 -18.47
CA SER A 401 17.17 -24.14 -17.80
C SER A 401 18.41 -23.76 -18.62
N GLY A 402 18.96 -24.71 -19.37
CA GLY A 402 20.13 -24.45 -20.19
C GLY A 402 19.85 -23.54 -21.38
N SER A 403 18.98 -23.98 -22.26
CA SER A 403 18.57 -23.23 -23.44
C SER A 403 17.15 -22.77 -23.19
N GLY A 404 16.72 -21.67 -23.80
CA GLY A 404 15.39 -21.19 -23.50
C GLY A 404 14.26 -21.97 -24.15
N LYS A 405 14.57 -23.16 -24.68
CA LYS A 405 13.59 -23.99 -25.39
C LYS A 405 12.44 -24.45 -24.50
N PRO A 406 11.21 -24.41 -25.01
CA PRO A 406 10.13 -24.97 -24.20
C PRO A 406 10.23 -26.50 -24.04
N VAL A 407 9.93 -27.00 -22.84
CA VAL A 407 10.03 -28.42 -22.52
C VAL A 407 9.19 -29.29 -23.48
N ARG A 408 8.08 -28.73 -23.95
CA ARG A 408 7.20 -29.45 -24.86
C ARG A 408 7.91 -29.82 -26.16
N SER A 409 9.01 -29.13 -26.48
CA SER A 409 9.69 -29.30 -27.76
C SER A 409 10.80 -30.35 -27.76
N ILE A 410 11.17 -30.84 -26.58
CA ILE A 410 12.27 -31.81 -26.53
C ILE A 410 11.77 -33.18 -26.97
N ILE A 411 12.43 -33.75 -27.97
CA ILE A 411 12.13 -35.13 -28.31
C ILE A 411 13.37 -35.98 -27.95
N CYS A 412 13.23 -36.75 -26.88
CA CYS A 412 14.25 -37.68 -26.47
C CYS A 412 14.19 -38.95 -27.31
N PRO A 413 15.35 -39.56 -27.60
CA PRO A 413 15.43 -40.77 -28.41
C PRO A 413 15.20 -42.06 -27.61
N CYS B 8 24.71 -4.97 -32.27
CA CYS B 8 23.61 -4.80 -31.31
C CYS B 8 22.68 -6.01 -31.32
N PRO B 9 22.39 -6.58 -30.13
CA PRO B 9 21.58 -7.81 -30.03
C PRO B 9 20.14 -7.61 -30.46
N SER B 10 19.48 -8.71 -30.83
CA SER B 10 18.05 -8.69 -31.10
C SER B 10 17.34 -8.40 -29.80
N ARG B 11 16.17 -7.76 -29.89
CA ARG B 11 15.36 -7.48 -28.71
C ARG B 11 16.02 -6.54 -27.69
N CYS B 12 17.05 -5.80 -28.11
CA CYS B 12 17.72 -4.84 -27.24
C CYS B 12 17.77 -3.46 -27.88
N SER B 13 17.68 -2.41 -27.06
CA SER B 13 17.81 -1.05 -27.53
C SER B 13 19.16 -0.46 -27.17
N CYS B 14 20.00 -0.25 -28.16
CA CYS B 14 21.31 0.33 -27.90
C CYS B 14 21.36 1.82 -28.22
N SER B 15 21.72 2.62 -27.22
CA SER B 15 21.82 4.06 -27.37
C SER B 15 23.11 4.59 -26.74
N GLY B 16 24.13 4.80 -27.57
CA GLY B 16 25.46 5.08 -27.07
C GLY B 16 26.08 3.78 -26.58
N THR B 17 26.71 3.82 -25.41
CA THR B 17 27.18 2.60 -24.78
C THR B 17 26.17 2.10 -23.73
N GLU B 18 24.95 2.65 -23.80
CA GLU B 18 23.85 2.24 -22.93
C GLU B 18 22.96 1.24 -23.60
N ILE B 19 22.68 0.13 -22.91
CA ILE B 19 21.96 -0.97 -23.53
C ILE B 19 20.76 -1.41 -22.69
N ARG B 20 19.63 -1.62 -23.36
CA ARG B 20 18.36 -1.93 -22.69
C ARG B 20 17.65 -3.12 -23.34
N CYS B 21 17.37 -4.16 -22.55
CA CYS B 21 16.61 -5.31 -23.03
C CYS B 21 15.50 -5.62 -22.03
N ASN B 22 14.58 -4.66 -21.90
CA ASN B 22 13.54 -4.69 -20.89
C ASN B 22 12.23 -5.24 -21.43
N SER B 23 11.60 -6.12 -20.66
CA SER B 23 10.29 -6.69 -21.03
C SER B 23 10.33 -7.42 -22.38
N LYS B 24 11.17 -8.44 -22.49
CA LYS B 24 11.26 -9.23 -23.70
C LYS B 24 11.10 -10.73 -23.43
N GLY B 25 10.70 -11.07 -22.21
CA GLY B 25 10.51 -12.47 -21.84
C GLY B 25 11.79 -13.30 -21.91
N LEU B 26 12.93 -12.63 -21.76
CA LEU B 26 14.23 -13.29 -21.88
C LEU B 26 14.44 -14.31 -20.76
N THR B 27 14.99 -15.47 -21.12
CA THR B 27 15.35 -16.47 -20.11
C THR B 27 16.85 -16.52 -19.85
N SER B 28 17.61 -15.85 -20.70
CA SER B 28 19.06 -15.69 -20.50
C SER B 28 19.57 -14.38 -21.13
N VAL B 29 20.77 -13.97 -20.74
CA VAL B 29 21.40 -12.76 -21.27
C VAL B 29 21.61 -12.86 -22.78
N PRO B 30 21.23 -11.82 -23.51
CA PRO B 30 21.46 -11.79 -24.96
C PRO B 30 22.93 -11.88 -25.33
N THR B 31 23.27 -12.78 -26.25
CA THR B 31 24.63 -12.85 -26.78
C THR B 31 24.90 -11.67 -27.70
N GLY B 32 26.16 -11.28 -27.81
CA GLY B 32 26.54 -10.23 -28.74
C GLY B 32 26.22 -8.82 -28.30
N ILE B 33 26.26 -8.60 -26.98
CA ILE B 33 26.23 -7.26 -26.41
C ILE B 33 27.65 -6.69 -26.52
N PRO B 34 27.79 -5.46 -27.01
CA PRO B 34 29.10 -4.84 -27.23
C PRO B 34 29.97 -4.74 -25.99
N SER B 35 31.25 -5.09 -26.12
CA SER B 35 32.18 -5.06 -24.99
C SER B 35 32.37 -3.64 -24.46
N SER B 36 31.93 -2.65 -25.24
CA SER B 36 32.08 -1.27 -24.84
C SER B 36 30.94 -0.79 -23.96
N ALA B 37 29.99 -1.67 -23.67
CA ALA B 37 28.79 -1.29 -22.91
C ALA B 37 29.14 -0.81 -21.51
N THR B 38 28.55 0.30 -21.10
CA THR B 38 28.79 0.87 -19.78
C THR B 38 27.57 0.76 -18.88
N ARG B 39 26.40 0.59 -19.49
CA ARG B 39 25.16 0.48 -18.75
C ARG B 39 24.34 -0.67 -19.37
N LEU B 40 23.79 -1.54 -18.54
CA LEU B 40 22.99 -2.62 -19.06
C LEU B 40 21.71 -2.84 -18.27
N GLU B 41 20.58 -2.95 -18.96
CA GLU B 41 19.30 -3.19 -18.30
C GLU B 41 18.64 -4.46 -18.82
N LEU B 42 18.26 -5.36 -17.92
CA LEU B 42 17.58 -6.59 -18.31
C LEU B 42 16.28 -6.74 -17.53
N GLU B 43 15.61 -5.62 -17.32
CA GLU B 43 14.44 -5.56 -16.48
C GLU B 43 13.21 -6.29 -17.02
N SER B 44 12.43 -6.84 -16.11
CA SER B 44 11.12 -7.40 -16.42
C SER B 44 11.24 -8.55 -17.41
N ASN B 45 12.13 -9.49 -17.11
CA ASN B 45 12.28 -10.69 -17.93
C ASN B 45 12.12 -11.90 -17.03
N LYS B 46 12.54 -13.07 -17.49
CA LYS B 46 12.41 -14.27 -16.66
C LYS B 46 13.72 -14.99 -16.36
N LEU B 47 14.79 -14.22 -16.17
CA LEU B 47 16.06 -14.81 -15.78
C LEU B 47 15.96 -15.51 -14.43
N GLN B 48 16.48 -16.74 -14.34
CA GLN B 48 16.62 -17.44 -13.06
C GLN B 48 18.11 -17.63 -12.69
N SER B 49 18.98 -17.55 -13.69
CA SER B 49 20.41 -17.84 -13.53
C SER B 49 21.31 -16.75 -14.14
N LEU B 50 22.52 -16.65 -13.62
CA LEU B 50 23.60 -16.00 -14.33
C LEU B 50 24.75 -16.99 -14.49
N PRO B 51 24.73 -17.78 -15.57
CA PRO B 51 25.73 -18.83 -15.80
C PRO B 51 27.16 -18.27 -15.80
N HIS B 52 28.13 -19.12 -15.49
CA HIS B 52 29.52 -18.71 -15.44
C HIS B 52 29.94 -18.07 -16.76
N GLY B 53 30.64 -16.94 -16.65
CA GLY B 53 31.21 -16.26 -17.81
C GLY B 53 30.26 -15.41 -18.62
N VAL B 54 29.05 -15.22 -18.13
CA VAL B 54 28.03 -14.55 -18.91
C VAL B 54 28.33 -13.07 -19.19
N PHE B 55 29.06 -12.43 -18.26
CA PHE B 55 29.49 -11.06 -18.44
C PHE B 55 31.00 -10.96 -18.76
N ASP B 56 31.55 -12.04 -19.31
CA ASP B 56 32.97 -12.13 -19.67
C ASP B 56 33.53 -10.94 -20.44
N LYS B 57 32.73 -10.41 -21.35
CA LYS B 57 33.22 -9.39 -22.26
C LYS B 57 32.73 -7.99 -21.90
N LEU B 58 31.89 -7.92 -20.87
CA LEU B 58 31.31 -6.64 -20.50
C LEU B 58 32.06 -6.00 -19.35
N THR B 59 33.35 -5.76 -19.55
CA THR B 59 34.23 -5.30 -18.48
C THR B 59 34.13 -3.80 -18.25
N GLN B 60 33.52 -3.07 -19.18
CA GLN B 60 33.37 -1.62 -19.05
C GLN B 60 32.06 -1.23 -18.36
N LEU B 61 31.35 -2.21 -17.84
CA LEU B 61 30.03 -1.98 -17.28
C LEU B 61 30.09 -1.28 -15.93
N THR B 62 29.35 -0.18 -15.77
CA THR B 62 29.34 0.52 -14.49
C THR B 62 28.00 0.46 -13.81
N LYS B 63 26.98 0.07 -14.56
CA LYS B 63 25.61 -0.01 -14.04
C LYS B 63 24.85 -1.23 -14.60
N LEU B 64 24.30 -2.04 -13.70
CA LEU B 64 23.60 -3.26 -14.10
C LEU B 64 22.26 -3.35 -13.36
N SER B 65 21.19 -3.58 -14.10
CA SER B 65 19.90 -3.82 -13.48
C SER B 65 19.28 -5.13 -13.93
N LEU B 66 19.06 -6.01 -12.96
CA LEU B 66 18.35 -7.27 -13.16
C LEU B 66 16.98 -7.20 -12.48
N SER B 67 16.46 -5.99 -12.34
CA SER B 67 15.17 -5.77 -11.68
C SER B 67 14.00 -6.55 -12.32
N ARG B 68 13.15 -7.11 -11.47
CA ARG B 68 11.95 -7.84 -11.94
C ARG B 68 12.33 -9.03 -12.83
N ASN B 69 12.99 -10.01 -12.22
CA ASN B 69 13.29 -11.26 -12.87
C ASN B 69 13.00 -12.34 -11.84
N ASN B 70 13.58 -13.51 -11.99
CA ASN B 70 13.27 -14.57 -11.05
C ASN B 70 14.52 -15.28 -10.55
N LEU B 71 15.52 -14.50 -10.14
CA LEU B 71 16.76 -15.08 -9.65
C LEU B 71 16.51 -15.90 -8.37
N VAL B 72 16.98 -17.13 -8.35
CA VAL B 72 16.73 -17.99 -7.21
C VAL B 72 17.77 -17.72 -6.08
N THR B 73 19.05 -17.66 -6.46
CA THR B 73 20.13 -17.52 -5.50
C THR B 73 21.09 -16.44 -5.95
N ILE B 74 21.74 -15.78 -5.00
CA ILE B 74 22.86 -14.90 -5.27
C ILE B 74 24.16 -15.66 -4.94
N LYS B 75 24.98 -15.93 -5.96
CA LYS B 75 26.29 -16.53 -5.71
C LYS B 75 27.33 -15.52 -6.12
N PRO B 76 28.40 -15.36 -5.32
CA PRO B 76 29.51 -14.42 -5.60
C PRO B 76 30.02 -14.56 -7.02
N GLU B 77 30.16 -15.79 -7.53
CA GLU B 77 30.78 -15.97 -8.84
C GLU B 77 29.93 -15.51 -10.04
N MET B 78 28.66 -15.21 -9.79
CA MET B 78 27.79 -14.59 -10.81
C MET B 78 28.36 -13.26 -11.24
N PHE B 79 29.12 -12.63 -10.36
CA PHE B 79 29.61 -11.28 -10.57
C PHE B 79 31.05 -11.17 -11.02
N VAL B 80 31.72 -12.29 -11.26
CA VAL B 80 33.09 -12.27 -11.79
C VAL B 80 33.08 -11.48 -13.12
N ASN B 81 34.14 -10.72 -13.38
CA ASN B 81 34.27 -9.78 -14.51
C ASN B 81 33.57 -8.44 -14.33
N LEU B 82 32.70 -8.34 -13.34
CA LEU B 82 31.94 -7.12 -13.08
C LEU B 82 32.60 -6.17 -12.09
N SER B 83 33.94 -6.12 -12.07
CA SER B 83 34.65 -5.34 -11.07
C SER B 83 34.61 -3.84 -11.31
N ARG B 84 34.11 -3.42 -12.47
CA ARG B 84 34.02 -1.99 -12.79
C ARG B 84 32.67 -1.45 -12.30
N LEU B 85 31.81 -2.36 -11.85
CA LEU B 85 30.42 -2.03 -11.52
C LEU B 85 30.28 -1.03 -10.37
N GLN B 86 29.53 0.04 -10.61
CA GLN B 86 29.26 1.02 -9.56
C GLN B 86 27.84 0.96 -9.02
N CYS B 87 26.89 0.56 -9.86
CA CYS B 87 25.51 0.39 -9.43
C CYS B 87 24.96 -0.95 -9.88
N LEU B 88 24.32 -1.65 -8.95
CA LEU B 88 23.70 -2.93 -9.24
C LEU B 88 22.28 -2.97 -8.69
N SER B 89 21.34 -3.45 -9.50
CA SER B 89 20.01 -3.69 -8.97
C SER B 89 19.54 -5.14 -9.13
N LEU B 90 19.12 -5.72 -8.02
CA LEU B 90 18.49 -7.05 -8.03
C LEU B 90 17.07 -6.95 -7.45
N SER B 91 16.49 -5.76 -7.51
CA SER B 91 15.17 -5.54 -6.92
C SER B 91 14.08 -6.38 -7.58
N HIS B 92 13.02 -6.68 -6.81
CA HIS B 92 11.85 -7.39 -7.34
C HIS B 92 12.16 -8.77 -7.94
N ASN B 93 12.96 -9.56 -7.24
CA ASN B 93 13.28 -10.92 -7.68
C ASN B 93 12.77 -12.00 -6.70
N SER B 94 12.19 -11.55 -5.59
CA SER B 94 11.86 -12.39 -4.41
C SER B 94 12.86 -13.54 -4.17
N ILE B 95 14.14 -13.17 -4.17
CA ILE B 95 15.20 -14.08 -3.82
C ILE B 95 15.09 -14.35 -2.31
N ALA B 96 15.04 -15.63 -1.96
CA ALA B 96 14.86 -16.00 -0.57
C ALA B 96 16.13 -16.62 -0.03
N GLN B 97 16.92 -15.83 0.69
CA GLN B 97 18.18 -16.33 1.24
C GLN B 97 18.87 -15.41 2.25
N ALA B 98 19.82 -15.95 2.99
CA ALA B 98 20.60 -15.19 3.96
C ALA B 98 21.65 -14.38 3.27
N VAL B 99 21.97 -13.23 3.86
CA VAL B 99 23.01 -12.35 3.38
C VAL B 99 23.96 -12.20 4.57
N ASN B 100 25.22 -12.57 4.38
CA ASN B 100 26.17 -12.70 5.50
C ASN B 100 27.61 -12.37 5.17
N GLY B 101 27.84 -11.65 4.08
CA GLY B 101 29.19 -11.24 3.73
C GLY B 101 29.84 -12.06 2.63
N SER B 102 29.11 -13.00 2.04
CA SER B 102 29.69 -13.92 1.05
C SER B 102 28.95 -13.87 -0.29
N GLN B 103 28.11 -12.85 -0.50
CA GLN B 103 27.24 -12.79 -1.68
C GLN B 103 27.85 -11.95 -2.79
N PHE B 104 28.58 -10.91 -2.42
CA PHE B 104 28.99 -9.89 -3.37
C PHE B 104 30.50 -9.72 -3.52
N LEU B 105 31.23 -10.80 -3.21
CA LEU B 105 32.70 -10.82 -3.16
C LEU B 105 33.49 -10.05 -4.23
N PRO B 106 33.16 -10.21 -5.53
CA PRO B 106 34.01 -9.54 -6.51
C PRO B 106 33.58 -8.12 -6.88
N LEU B 107 32.50 -7.61 -6.30
CA LEU B 107 32.00 -6.27 -6.66
C LEU B 107 32.70 -5.17 -5.88
N THR B 108 34.01 -5.10 -6.07
CA THR B 108 34.88 -4.35 -5.19
C THR B 108 34.86 -2.87 -5.47
N ASN B 109 34.15 -2.47 -6.51
CA ASN B 109 33.97 -1.05 -6.77
C ASN B 109 32.51 -0.60 -6.58
N LEU B 110 31.65 -1.50 -6.11
CA LEU B 110 30.22 -1.19 -6.01
C LEU B 110 29.92 -0.08 -5.03
N GLN B 111 29.21 0.94 -5.52
CA GLN B 111 28.81 2.08 -4.71
C GLN B 111 27.36 2.05 -4.30
N VAL B 112 26.47 1.66 -5.22
CA VAL B 112 25.07 1.55 -4.89
C VAL B 112 24.47 0.18 -5.21
N LEU B 113 23.73 -0.33 -4.23
CA LEU B 113 23.16 -1.66 -4.32
C LEU B 113 21.68 -1.61 -3.94
N ASP B 114 20.83 -2.07 -4.85
CA ASP B 114 19.41 -2.11 -4.59
C ASP B 114 18.94 -3.54 -4.45
N LEU B 115 18.52 -3.92 -3.25
CA LEU B 115 18.07 -5.29 -2.99
C LEU B 115 16.60 -5.31 -2.59
N SER B 116 15.90 -4.24 -2.91
CA SER B 116 14.51 -4.04 -2.47
C SER B 116 13.53 -5.03 -3.09
N HIS B 117 12.42 -5.27 -2.40
CA HIS B 117 11.43 -6.24 -2.87
C HIS B 117 12.06 -7.64 -3.10
N ASN B 118 12.57 -8.21 -2.02
CA ASN B 118 12.97 -9.60 -2.00
C ASN B 118 12.53 -10.25 -0.69
N LYS B 119 13.02 -11.45 -0.41
CA LYS B 119 12.79 -12.11 0.86
C LYS B 119 14.10 -12.41 1.58
N LEU B 120 14.99 -11.42 1.60
CA LEU B 120 16.33 -11.62 2.10
C LEU B 120 16.37 -11.52 3.61
N ASP B 121 17.09 -12.48 4.22
CA ASP B 121 17.37 -12.47 5.65
C ASP B 121 18.68 -11.72 5.81
N LEU B 122 18.56 -10.44 6.12
CA LEU B 122 19.64 -9.48 5.94
C LEU B 122 20.41 -9.12 7.18
N TYR B 123 19.80 -9.26 8.34
CA TYR B 123 20.38 -8.63 9.52
C TYR B 123 21.33 -9.56 10.25
N HIS B 124 22.51 -9.74 9.66
CA HIS B 124 23.58 -10.55 10.25
C HIS B 124 24.85 -9.68 10.31
N TRP B 125 25.65 -9.83 11.35
CA TRP B 125 26.72 -8.84 11.59
C TRP B 125 27.75 -8.71 10.47
N LYS B 126 27.87 -9.74 9.65
CA LYS B 126 28.84 -9.73 8.55
C LYS B 126 28.24 -9.28 7.21
N SER B 127 26.94 -9.02 7.18
CA SER B 127 26.28 -8.64 5.93
C SER B 127 26.97 -7.44 5.29
N PHE B 128 27.18 -7.53 3.98
CA PHE B 128 27.78 -6.45 3.19
C PHE B 128 29.23 -6.08 3.56
N SER B 129 29.86 -6.83 4.46
CA SER B 129 31.26 -6.54 4.78
C SER B 129 32.16 -6.81 3.58
N GLU B 130 31.67 -7.54 2.58
CA GLU B 130 32.45 -7.75 1.37
C GLU B 130 32.28 -6.56 0.43
N LEU B 131 31.52 -5.57 0.88
CA LEU B 131 31.40 -4.33 0.13
C LEU B 131 31.89 -3.17 0.99
N PRO B 132 33.19 -3.11 1.28
CA PRO B 132 33.63 -2.08 2.23
C PRO B 132 33.41 -0.63 1.70
N GLN B 133 33.40 -0.45 0.38
CA GLN B 133 33.27 0.87 -0.26
C GLN B 133 31.81 1.33 -0.54
N LEU B 134 30.82 0.58 -0.08
CA LEU B 134 29.41 0.84 -0.38
C LEU B 134 28.93 2.19 0.16
N GLN B 135 28.24 2.96 -0.68
CA GLN B 135 27.73 4.29 -0.31
C GLN B 135 26.19 4.34 -0.08
N ALA B 136 25.45 3.57 -0.87
CA ALA B 136 24.00 3.56 -0.79
C ALA B 136 23.47 2.13 -0.89
N LEU B 137 22.57 1.80 0.03
CA LEU B 137 22.05 0.45 0.11
C LEU B 137 20.53 0.54 0.33
N ASP B 138 19.78 -0.03 -0.61
CA ASP B 138 18.32 -0.09 -0.49
C ASP B 138 17.86 -1.54 -0.18
N LEU B 139 17.40 -1.75 1.05
CA LEU B 139 16.91 -3.04 1.54
C LEU B 139 15.38 -3.09 1.71
N SER B 140 14.70 -2.08 1.17
CA SER B 140 13.23 -1.91 1.25
C SER B 140 12.46 -3.17 0.91
N TYR B 141 11.29 -3.33 1.53
CA TYR B 141 10.39 -4.42 1.18
C TYR B 141 11.08 -5.76 1.22
N ASN B 142 11.74 -6.02 2.34
CA ASN B 142 12.15 -7.35 2.69
C ASN B 142 11.54 -7.71 4.02
N SER B 143 10.24 -7.49 4.13
CA SER B 143 9.45 -8.05 5.22
C SER B 143 9.37 -9.48 4.79
N GLN B 144 9.08 -10.38 5.71
CA GLN B 144 9.15 -11.81 5.34
C GLN B 144 10.56 -12.35 4.93
N PRO B 145 11.61 -12.02 5.71
CA PRO B 145 12.89 -12.61 5.31
C PRO B 145 12.87 -14.14 5.34
N PHE B 146 13.59 -14.76 4.43
CA PHE B 146 13.68 -16.21 4.46
C PHE B 146 14.75 -16.68 5.44
N ILE B 151 16.34 -16.52 11.46
CA ILE B 151 16.56 -15.20 10.83
C ILE B 151 17.37 -14.22 11.68
N GLY B 152 18.12 -13.34 11.00
CA GLY B 152 18.95 -12.35 11.65
C GLY B 152 18.21 -11.20 12.34
N HIS B 153 18.76 -10.72 13.45
CA HIS B 153 18.17 -9.66 14.26
C HIS B 153 19.17 -8.55 14.48
N ASN B 154 20.29 -8.64 13.77
CA ASN B 154 21.49 -7.90 14.14
C ASN B 154 21.76 -6.79 13.14
N PHE B 155 21.85 -5.55 13.64
CA PHE B 155 22.04 -4.40 12.78
C PHE B 155 23.46 -3.85 12.83
N SER B 156 24.34 -4.47 13.60
CA SER B 156 25.71 -3.93 13.73
C SER B 156 26.46 -3.96 12.41
N PHE B 157 25.92 -4.65 11.42
CA PHE B 157 26.55 -4.66 10.12
C PHE B 157 26.69 -3.27 9.52
N VAL B 158 25.73 -2.37 9.80
CA VAL B 158 25.81 -1.04 9.21
C VAL B 158 26.99 -0.23 9.78
N THR B 159 27.41 -0.56 11.00
CA THR B 159 28.47 0.25 11.60
C THR B 159 29.85 -0.06 11.01
N HIS B 160 29.95 -1.17 10.28
CA HIS B 160 31.17 -1.53 9.56
C HIS B 160 31.22 -1.02 8.14
N LEU B 161 30.09 -0.57 7.62
CA LEU B 161 30.07 0.02 6.29
C LEU B 161 30.45 1.49 6.40
N SER B 162 31.75 1.75 6.37
CA SER B 162 32.29 3.03 6.76
C SER B 162 32.12 4.11 5.71
N MET B 163 31.64 3.72 4.53
CA MET B 163 31.37 4.68 3.44
C MET B 163 29.86 4.91 3.27
N LEU B 164 29.03 4.18 4.01
CA LEU B 164 27.59 4.16 3.74
C LEU B 164 26.97 5.51 4.09
N GLN B 165 26.33 6.14 3.11
CA GLN B 165 25.68 7.43 3.32
C GLN B 165 24.16 7.35 3.36
N SER B 166 23.60 6.42 2.57
CA SER B 166 22.16 6.22 2.45
C SER B 166 21.81 4.77 2.70
N LEU B 167 20.87 4.57 3.60
CA LEU B 167 20.37 3.26 3.96
C LEU B 167 18.85 3.32 3.95
N SER B 168 18.21 2.37 3.28
CA SER B 168 16.78 2.22 3.42
C SER B 168 16.44 0.88 4.01
N LEU B 169 15.71 0.91 5.12
CA LEU B 169 15.16 -0.27 5.76
C LEU B 169 13.65 -0.28 5.68
N ALA B 170 13.11 0.48 4.72
CA ALA B 170 11.67 0.77 4.67
C ALA B 170 10.78 -0.45 4.42
N HIS B 171 9.61 -0.45 5.06
CA HIS B 171 8.57 -1.46 4.81
C HIS B 171 9.08 -2.88 5.06
N ASN B 172 9.83 -3.05 6.15
CA ASN B 172 10.44 -4.32 6.48
C ASN B 172 9.79 -4.93 7.70
N ASP B 173 8.68 -4.37 8.16
CA ASP B 173 7.98 -4.90 9.34
C ASP B 173 8.90 -5.00 10.57
N ILE B 174 9.84 -4.07 10.66
CA ILE B 174 10.72 -4.00 11.80
C ILE B 174 9.95 -3.45 13.00
N HIS B 175 9.73 -4.28 14.03
CA HIS B 175 8.94 -3.87 15.19
C HIS B 175 9.32 -4.50 16.54
N THR B 176 9.96 -5.65 16.54
CA THR B 176 10.51 -6.23 17.76
C THR B 176 11.79 -7.00 17.51
N ARG B 177 12.45 -7.32 18.63
CA ARG B 177 13.61 -8.20 18.67
C ARG B 177 14.64 -7.84 17.62
N VAL B 178 15.10 -6.60 17.66
CA VAL B 178 16.23 -6.18 16.84
C VAL B 178 17.17 -5.38 17.75
N SER B 179 18.36 -5.10 17.25
CA SER B 179 19.34 -4.31 17.99
C SER B 179 18.68 -3.03 18.47
N SER B 180 18.90 -2.70 19.75
CA SER B 180 18.32 -1.50 20.35
C SER B 180 19.05 -0.21 19.94
N HIS B 181 20.23 -0.37 19.33
CA HIS B 181 21.01 0.79 18.84
C HIS B 181 21.47 0.62 17.40
N LEU B 182 21.34 1.68 16.60
CA LEU B 182 21.98 1.75 15.28
C LEU B 182 23.20 2.62 15.47
N ASN B 183 24.34 2.21 14.92
CA ASN B 183 25.55 3.02 15.05
C ASN B 183 26.22 3.26 13.70
N SER B 184 26.65 4.49 13.49
CA SER B 184 27.37 4.84 12.26
C SER B 184 27.98 6.20 12.44
N ASN B 185 29.03 6.47 11.68
CA ASN B 185 29.57 7.83 11.59
C ASN B 185 29.37 8.45 10.19
N SER B 186 28.90 7.64 9.25
CA SER B 186 28.81 8.05 7.85
C SER B 186 27.39 8.20 7.31
N VAL B 187 26.44 7.43 7.83
CA VAL B 187 25.09 7.47 7.31
C VAL B 187 24.47 8.87 7.48
N ARG B 188 23.97 9.43 6.38
CA ARG B 188 23.40 10.77 6.38
C ARG B 188 21.89 10.73 6.13
N PHE B 189 21.44 9.74 5.35
CA PHE B 189 20.02 9.59 5.09
C PHE B 189 19.55 8.19 5.44
N LEU B 190 18.61 8.10 6.38
CA LEU B 190 18.01 6.83 6.72
C LEU B 190 16.48 6.84 6.43
N ASP B 191 16.04 5.94 5.57
CA ASP B 191 14.60 5.79 5.36
C ASP B 191 14.09 4.65 6.24
N PHE B 192 13.29 4.98 7.25
CA PHE B 192 12.70 3.97 8.13
C PHE B 192 11.18 3.87 7.93
N SER B 193 10.73 4.40 6.79
CA SER B 193 9.32 4.45 6.42
C SER B 193 8.70 3.07 6.47
N GLY B 194 7.44 3.00 6.89
CA GLY B 194 6.67 1.77 6.79
C GLY B 194 6.99 0.71 7.82
N ASN B 195 7.75 1.04 8.87
CA ASN B 195 8.04 0.04 9.88
C ASN B 195 7.16 0.18 11.11
N GLY B 196 7.55 -0.43 12.22
CA GLY B 196 6.71 -0.35 13.40
C GLY B 196 7.36 0.41 14.54
N MET B 197 7.91 1.59 14.24
CA MET B 197 8.58 2.37 15.30
C MET B 197 7.60 2.73 16.44
N GLY B 198 6.31 2.81 16.12
CA GLY B 198 5.29 3.07 17.11
C GLY B 198 5.29 2.02 18.20
N ARG B 199 5.23 0.76 17.78
CA ARG B 199 5.36 -0.34 18.73
C ARG B 199 6.70 -0.29 19.45
N MET B 200 7.79 0.01 18.74
CA MET B 200 9.12 -0.03 19.35
C MET B 200 9.29 0.99 20.47
N TRP B 201 8.76 2.19 20.27
CA TRP B 201 8.86 3.23 21.29
C TRP B 201 7.91 3.04 22.45
N ASP B 202 6.92 2.17 22.29
CA ASP B 202 6.01 1.83 23.39
C ASP B 202 6.60 0.70 24.24
N GLU B 203 7.67 0.05 23.76
CA GLU B 203 8.24 -1.06 24.50
C GLU B 203 9.23 -0.55 25.55
N GLY B 204 8.74 0.22 26.51
CA GLY B 204 9.58 0.75 27.57
C GLY B 204 10.63 1.66 26.97
N GLY B 205 11.84 1.61 27.53
CA GLY B 205 12.95 2.39 27.02
C GLY B 205 13.86 1.58 26.11
N LEU B 206 13.41 0.39 25.73
CA LEU B 206 14.27 -0.52 24.95
C LEU B 206 14.80 0.08 23.65
N TYR B 207 13.99 0.89 22.97
CA TYR B 207 14.40 1.50 21.71
C TYR B 207 14.51 3.03 21.84
N LEU B 208 14.58 3.50 23.09
CA LEU B 208 14.61 4.95 23.34
C LEU B 208 15.83 5.63 22.70
N HIS B 209 16.87 4.85 22.36
CA HIS B 209 18.10 5.42 21.81
C HIS B 209 18.44 4.85 20.44
N PHE B 210 17.46 4.24 19.79
CA PHE B 210 17.64 3.52 18.55
C PHE B 210 18.41 4.25 17.42
N PHE B 211 18.08 5.51 17.19
CA PHE B 211 18.68 6.26 16.08
C PHE B 211 19.86 7.11 16.56
N GLN B 212 20.02 7.17 17.88
CA GLN B 212 20.97 8.10 18.50
C GLN B 212 22.41 7.93 18.03
N GLY B 213 22.83 6.69 17.80
CA GLY B 213 24.20 6.42 17.37
C GLY B 213 24.52 6.69 15.91
N LEU B 214 23.58 7.25 15.16
CA LEU B 214 23.82 7.62 13.76
C LEU B 214 24.39 9.03 13.73
N SER B 215 25.69 9.15 14.02
CA SER B 215 26.31 10.42 14.40
C SER B 215 26.01 11.68 13.59
N GLY B 216 26.30 11.68 12.30
CA GLY B 216 25.99 12.89 11.55
C GLY B 216 24.68 12.80 10.79
N LEU B 217 23.73 12.00 11.28
CA LEU B 217 22.46 11.80 10.55
C LEU B 217 21.85 13.14 10.15
N LEU B 218 21.40 13.23 8.90
CA LEU B 218 20.91 14.49 8.36
C LEU B 218 19.40 14.47 8.07
N LYS B 219 18.93 13.34 7.53
CA LYS B 219 17.53 13.16 7.19
C LYS B 219 17.07 11.80 7.71
N LEU B 220 15.91 11.79 8.37
CA LEU B 220 15.30 10.57 8.91
C LEU B 220 13.85 10.49 8.47
N ASP B 221 13.48 9.43 7.80
CA ASP B 221 12.10 9.25 7.40
C ASP B 221 11.43 8.25 8.32
N LEU B 222 10.48 8.73 9.13
CA LEU B 222 9.68 7.88 10.02
C LEU B 222 8.21 7.88 9.58
N SER B 223 7.98 8.19 8.30
CA SER B 223 6.61 8.20 7.81
C SER B 223 6.00 6.79 7.86
N GLN B 224 4.69 6.72 8.04
CA GLN B 224 3.96 5.44 7.99
C GLN B 224 4.49 4.42 9.00
N ASN B 225 4.79 4.87 10.21
CA ASN B 225 5.22 3.96 11.26
C ASN B 225 4.13 3.66 12.31
N ASN B 226 2.89 4.01 11.99
CA ASN B 226 1.78 3.88 12.93
C ASN B 226 2.01 4.58 14.27
N LEU B 227 2.65 5.74 14.21
CA LEU B 227 2.84 6.56 15.39
C LEU B 227 1.54 7.30 15.77
N HIS B 228 1.03 7.00 16.95
CA HIS B 228 -0.15 7.68 17.48
C HIS B 228 0.28 8.74 18.48
N ILE B 229 1.50 8.57 19.01
CA ILE B 229 2.17 9.61 19.79
C ILE B 229 3.66 9.66 19.55
N LEU B 230 4.25 10.79 19.97
CA LEU B 230 5.68 11.05 19.89
C LEU B 230 6.15 11.78 21.13
N ARG B 231 6.71 11.07 22.10
CA ARG B 231 7.19 11.72 23.30
C ARG B 231 8.44 12.57 23.04
N PRO B 232 8.53 13.73 23.70
CA PRO B 232 9.70 14.58 23.54
C PRO B 232 11.04 13.90 23.83
N GLN B 233 11.10 12.94 24.77
CA GLN B 233 12.35 12.21 25.02
C GLN B 233 12.82 11.46 23.78
N ASN B 234 11.87 10.90 23.03
CA ASN B 234 12.22 10.20 21.81
C ASN B 234 12.85 11.15 20.81
N LEU B 235 12.33 12.36 20.76
CA LEU B 235 12.85 13.35 19.85
C LEU B 235 14.23 13.79 20.34
N ASP B 236 14.36 13.93 21.65
CA ASP B 236 15.61 14.39 22.23
C ASP B 236 16.75 13.41 21.96
N ASN B 237 16.40 12.15 21.72
CA ASN B 237 17.42 11.13 21.50
C ASN B 237 17.70 10.81 20.03
N LEU B 238 17.17 11.61 19.12
CA LEU B 238 17.56 11.53 17.71
C LEU B 238 18.91 12.27 17.57
N PRO B 239 19.69 11.94 16.54
CA PRO B 239 20.98 12.64 16.41
C PRO B 239 20.82 14.15 16.29
N LYS B 240 21.65 14.91 17.00
CA LYS B 240 21.47 16.36 17.12
C LYS B 240 21.77 17.11 15.83
N SER B 241 22.31 16.38 14.86
CA SER B 241 22.65 16.93 13.57
C SER B 241 21.48 16.95 12.56
N LEU B 242 20.39 16.28 12.91
CA LEU B 242 19.23 16.13 12.02
C LEU B 242 18.76 17.46 11.40
N LYS B 243 18.58 17.48 10.09
CA LYS B 243 18.06 18.68 9.41
C LYS B 243 16.64 18.49 8.93
N LEU B 244 16.26 17.23 8.69
CA LEU B 244 14.94 16.89 8.14
C LEU B 244 14.32 15.69 8.88
N LEU B 245 13.13 15.86 9.40
CA LEU B 245 12.42 14.76 10.03
C LEU B 245 11.10 14.62 9.31
N SER B 246 10.80 13.41 8.83
CA SER B 246 9.51 13.19 8.20
C SER B 246 8.65 12.24 9.03
N LEU B 247 7.47 12.73 9.43
CA LEU B 247 6.53 11.95 10.23
C LEU B 247 5.21 11.78 9.43
N ARG B 248 5.34 11.90 8.10
CA ARG B 248 4.23 11.83 7.16
C ARG B 248 3.37 10.56 7.31
N ASP B 249 2.06 10.72 7.20
CA ASP B 249 1.12 9.59 7.23
C ASP B 249 1.25 8.67 8.42
N ASN B 250 1.31 9.29 9.61
CA ASN B 250 1.12 8.55 10.85
C ASN B 250 -0.26 8.87 11.43
N TYR B 251 -0.42 8.79 12.74
CA TYR B 251 -1.73 9.04 13.36
C TYR B 251 -1.61 10.05 14.49
N LEU B 252 -0.78 11.06 14.32
CA LEU B 252 -0.60 12.07 15.36
C LEU B 252 -1.78 13.04 15.43
N SER B 253 -2.37 13.15 16.63
CA SER B 253 -3.53 14.02 16.91
C SER B 253 -3.06 15.30 17.62
N PHE B 254 -1.84 15.24 18.13
CA PHE B 254 -1.29 16.27 18.99
C PHE B 254 0.20 16.35 18.66
N PHE B 255 0.82 17.49 18.91
CA PHE B 255 2.26 17.58 18.74
C PHE B 255 2.86 18.67 19.63
N ASN B 256 3.82 18.28 20.47
CA ASN B 256 4.46 19.20 21.40
C ASN B 256 5.50 20.07 20.68
N TRP B 257 5.10 21.28 20.29
CA TRP B 257 5.95 22.14 19.48
C TRP B 257 7.26 22.55 20.15
N THR B 258 7.25 22.68 21.47
CA THR B 258 8.46 23.10 22.14
C THR B 258 9.50 21.98 22.17
N SER B 259 9.09 20.78 21.75
CA SER B 259 10.04 19.68 21.59
C SER B 259 11.00 19.90 20.44
N LEU B 260 10.63 20.76 19.49
CA LEU B 260 11.50 21.00 18.35
C LEU B 260 12.83 21.59 18.81
N SER B 261 12.85 22.15 20.03
CA SER B 261 14.11 22.63 20.61
C SER B 261 15.11 21.51 20.86
N PHE B 262 14.62 20.27 20.95
CA PHE B 262 15.48 19.10 21.08
C PHE B 262 16.17 18.76 19.75
N LEU B 263 15.68 19.38 18.67
CA LEU B 263 16.27 19.23 17.33
C LEU B 263 16.83 20.59 16.86
N PRO B 264 17.96 20.99 17.44
CA PRO B 264 18.49 22.35 17.24
C PRO B 264 18.89 22.66 15.79
N ASN B 265 19.19 21.65 14.99
CA ASN B 265 19.56 21.87 13.59
C ASN B 265 18.48 21.53 12.57
N LEU B 266 17.27 21.26 13.05
CA LEU B 266 16.15 20.91 12.17
C LEU B 266 15.80 22.06 11.20
N GLU B 267 15.61 21.73 9.93
CA GLU B 267 15.25 22.71 8.92
C GLU B 267 13.93 22.34 8.23
N VAL B 268 13.63 21.04 8.18
CA VAL B 268 12.44 20.58 7.48
C VAL B 268 11.64 19.59 8.33
N LEU B 269 10.38 19.91 8.60
CA LEU B 269 9.54 19.03 9.37
C LEU B 269 8.29 18.69 8.56
N ASP B 270 8.11 17.40 8.28
CA ASP B 270 6.99 16.97 7.47
C ASP B 270 5.95 16.25 8.35
N LEU B 271 4.82 16.91 8.60
CA LEU B 271 3.78 16.33 9.44
C LEU B 271 2.51 16.04 8.66
N ALA B 272 2.62 16.11 7.33
CA ALA B 272 1.50 15.83 6.43
C ALA B 272 0.79 14.49 6.66
N GLY B 273 -0.51 14.44 6.42
CA GLY B 273 -1.22 13.17 6.42
C GLY B 273 -1.38 12.59 7.81
N ASN B 274 -1.13 13.42 8.83
CA ASN B 274 -1.47 13.05 10.19
C ASN B 274 -2.90 13.48 10.54
N GLN B 275 -3.16 13.69 11.82
CA GLN B 275 -4.51 14.02 12.31
C GLN B 275 -4.53 15.25 13.21
N LEU B 276 -3.68 16.23 12.98
CA LEU B 276 -3.71 17.45 13.79
C LEU B 276 -5.08 18.17 13.66
N LYS B 277 -5.56 18.75 14.76
CA LYS B 277 -6.88 19.41 14.75
C LYS B 277 -6.68 20.91 14.59
N ALA B 278 -5.46 21.35 14.80
CA ALA B 278 -5.12 22.76 14.80
C ALA B 278 -3.60 22.92 14.95
N LEU B 279 -3.11 24.11 14.66
CA LEU B 279 -1.78 24.48 15.10
C LEU B 279 -1.90 25.10 16.49
N THR B 280 -1.74 24.25 17.50
CA THR B 280 -1.97 24.63 18.88
C THR B 280 -1.08 23.86 19.85
N ASN B 281 -1.39 23.97 21.13
CA ASN B 281 -0.60 23.35 22.21
C ASN B 281 0.84 23.88 22.22
N GLY B 282 0.96 25.19 22.05
CA GLY B 282 2.26 25.84 22.01
C GLY B 282 2.54 26.54 20.70
N THR B 283 3.73 27.14 20.60
CA THR B 283 4.16 27.78 19.36
C THR B 283 5.53 27.26 18.95
N LEU B 284 5.93 27.57 17.72
CA LEU B 284 7.26 27.24 17.27
C LEU B 284 8.27 27.91 18.22
N PRO B 285 9.24 27.14 18.75
CA PRO B 285 10.10 27.63 19.84
C PRO B 285 11.20 28.60 19.39
N ASN B 286 11.52 29.53 20.29
CA ASN B 286 12.59 30.51 20.08
C ASN B 286 13.90 29.87 19.63
N GLY B 287 14.49 30.39 18.58
CA GLY B 287 15.78 29.89 18.13
C GLY B 287 15.73 28.75 17.12
N THR B 288 14.55 28.22 16.83
CA THR B 288 14.45 27.11 15.88
C THR B 288 14.94 27.57 14.51
N LEU B 289 15.63 26.68 13.82
CA LEU B 289 16.16 27.01 12.51
C LEU B 289 15.21 26.51 11.41
N LEU B 290 13.97 26.17 11.79
CA LEU B 290 12.97 25.61 10.87
C LEU B 290 12.72 26.50 9.63
N GLN B 291 12.67 25.86 8.47
CA GLN B 291 12.54 26.56 7.18
C GLN B 291 11.32 26.09 6.41
N LYS B 292 10.99 24.81 6.60
CA LYS B 292 9.86 24.21 5.91
C LYS B 292 9.03 23.38 6.89
N LEU B 293 7.73 23.66 6.91
CA LEU B 293 6.79 22.94 7.74
C LEU B 293 5.64 22.52 6.83
N ASP B 294 5.58 21.23 6.58
CA ASP B 294 4.53 20.65 5.79
C ASP B 294 3.56 20.07 6.79
N VAL B 295 2.37 20.64 6.80
CA VAL B 295 1.39 20.25 7.80
C VAL B 295 0.06 20.06 7.05
N SER B 296 0.20 19.83 5.74
CA SER B 296 -0.92 19.52 4.85
C SER B 296 -1.65 18.20 5.16
N SER B 297 -2.85 18.06 4.58
CA SER B 297 -3.64 16.82 4.70
C SER B 297 -3.79 16.34 6.14
N ASN B 298 -3.95 17.29 7.05
CA ASN B 298 -4.40 16.96 8.39
C ASN B 298 -5.88 17.34 8.45
N SER B 299 -6.38 17.63 9.64
CA SER B 299 -7.71 18.22 9.77
C SER B 299 -7.65 19.52 10.58
N ILE B 300 -6.72 20.40 10.20
CA ILE B 300 -6.48 21.63 10.93
C ILE B 300 -7.60 22.65 10.74
N VAL B 301 -8.22 23.03 11.84
CA VAL B 301 -9.36 23.94 11.79
C VAL B 301 -8.91 25.38 12.07
N SER B 302 -7.86 25.53 12.87
CA SER B 302 -7.37 26.83 13.30
C SER B 302 -5.89 26.87 13.69
N VAL B 303 -5.35 28.08 13.75
CA VAL B 303 -3.98 28.32 14.17
C VAL B 303 -3.99 29.28 15.37
N VAL B 304 -3.24 28.96 16.42
CA VAL B 304 -3.15 29.85 17.58
C VAL B 304 -2.38 31.13 17.21
N PRO B 305 -2.73 32.25 17.86
CA PRO B 305 -2.00 33.49 17.55
C PRO B 305 -0.50 33.36 17.77
N ALA B 306 0.25 34.00 16.88
CA ALA B 306 1.72 34.05 16.90
C ALA B 306 2.42 32.69 16.78
N PHE B 307 1.71 31.69 16.25
CA PHE B 307 2.26 30.35 16.11
C PHE B 307 3.56 30.36 15.29
N PHE B 308 3.52 31.05 14.15
CA PHE B 308 4.64 31.08 13.23
C PHE B 308 5.64 32.17 13.50
N ALA B 309 5.22 33.18 14.26
CA ALA B 309 6.10 34.27 14.63
C ALA B 309 7.26 33.58 15.32
N LEU B 310 8.42 34.22 15.35
CA LEU B 310 9.48 33.71 16.21
C LEU B 310 10.18 32.45 15.62
N ALA B 311 9.66 31.92 14.50
CA ALA B 311 10.45 31.03 13.63
C ALA B 311 11.02 31.85 12.47
N VAL B 312 12.03 32.65 12.79
CA VAL B 312 12.57 33.68 11.90
C VAL B 312 13.16 33.14 10.59
N GLU B 313 13.49 31.86 10.58
CA GLU B 313 14.06 31.27 9.38
C GLU B 313 13.01 30.61 8.50
N LEU B 314 11.74 30.71 8.89
CA LEU B 314 10.69 30.01 8.18
C LEU B 314 10.50 30.53 6.74
N LYS B 315 10.48 29.60 5.79
CA LYS B 315 10.53 29.94 4.37
C LYS B 315 9.29 29.40 3.63
N GLU B 316 8.82 28.22 4.02
CA GLU B 316 7.58 27.68 3.44
C GLU B 316 6.72 26.91 4.41
N VAL B 317 5.43 27.22 4.39
CA VAL B 317 4.45 26.45 5.13
C VAL B 317 3.34 25.98 4.21
N ASN B 318 3.08 24.67 4.29
CA ASN B 318 2.07 24.02 3.48
C ASN B 318 0.91 23.68 4.40
N LEU B 319 -0.17 24.45 4.26
CA LEU B 319 -1.41 24.21 5.03
C LEU B 319 -2.52 23.64 4.15
N SER B 320 -2.15 23.17 2.96
CA SER B 320 -3.05 22.59 1.98
C SER B 320 -3.89 21.42 2.54
N HIS B 321 -5.08 21.20 1.99
CA HIS B 321 -5.92 20.04 2.35
C HIS B 321 -6.21 19.90 3.84
N ASN B 322 -6.69 20.97 4.44
CA ASN B 322 -7.19 20.91 5.81
C ASN B 322 -8.65 21.36 5.86
N ILE B 323 -9.11 21.80 7.02
CA ILE B 323 -10.47 22.31 7.12
C ILE B 323 -10.47 23.74 7.69
N LEU B 324 -9.48 24.52 7.26
CA LEU B 324 -9.29 25.90 7.71
C LEU B 324 -10.52 26.76 7.43
N LYS B 325 -11.17 27.23 8.49
CA LYS B 325 -12.38 28.03 8.30
C LYS B 325 -12.01 29.47 7.93
N THR B 326 -10.99 29.99 8.59
CA THR B 326 -10.56 31.37 8.39
C THR B 326 -9.06 31.52 8.59
N VAL B 327 -8.50 32.60 8.07
CA VAL B 327 -7.09 32.88 8.31
C VAL B 327 -6.93 34.24 9.00
N ASP B 328 -6.33 34.24 10.19
CA ASP B 328 -6.31 35.45 11.00
C ASP B 328 -4.97 36.16 10.98
N ARG B 329 -5.03 37.49 11.12
CA ARG B 329 -3.86 38.36 11.07
C ARG B 329 -2.78 37.92 12.05
N SER B 330 -3.22 37.37 13.17
CA SER B 330 -2.36 37.07 14.32
C SER B 330 -1.36 35.89 14.21
N TRP B 331 -1.50 34.99 13.24
CA TRP B 331 -0.58 33.85 13.12
C TRP B 331 0.92 34.20 13.11
N LEU B 339 9.19 34.82 4.05
CA LEU B 339 8.40 33.63 3.71
C LEU B 339 8.20 33.52 2.19
N LYS B 340 8.75 32.49 1.58
CA LYS B 340 8.67 32.33 0.12
C LYS B 340 7.43 31.62 -0.45
N GLU B 341 7.02 30.51 0.17
CA GLU B 341 5.88 29.75 -0.36
C GLU B 341 4.88 29.49 0.76
N LEU B 342 3.60 29.71 0.45
CA LEU B 342 2.51 29.53 1.41
C LEU B 342 1.32 28.90 0.69
N ALA B 343 0.99 27.67 1.07
CA ALA B 343 -0.12 26.97 0.44
C ALA B 343 -1.34 26.91 1.35
N LEU B 344 -2.47 27.39 0.84
CA LEU B 344 -3.67 27.54 1.63
C LEU B 344 -4.86 26.95 0.86
N ASP B 345 -4.56 26.26 -0.23
CA ASP B 345 -5.58 25.67 -1.09
C ASP B 345 -6.31 24.50 -0.44
N THR B 346 -7.47 24.15 -1.01
CA THR B 346 -8.24 22.99 -0.56
C THR B 346 -8.58 23.12 0.92
N ASN B 347 -9.42 24.09 1.28
CA ASN B 347 -9.54 24.45 2.69
C ASN B 347 -10.81 25.03 3.33
N GLN B 348 -11.92 25.24 2.63
CA GLN B 348 -13.08 25.91 3.30
C GLN B 348 -12.99 27.41 3.63
N LEU B 349 -12.01 28.13 3.09
CA LEU B 349 -11.95 29.57 3.33
C LEU B 349 -12.93 30.34 2.47
N LYS B 350 -13.72 31.23 3.08
CA LYS B 350 -14.67 32.05 2.34
C LYS B 350 -14.12 33.45 2.10
N SER B 351 -13.25 33.89 3.01
CA SER B 351 -12.72 35.24 2.95
C SER B 351 -11.36 35.34 3.64
N VAL B 352 -10.83 36.56 3.63
CA VAL B 352 -9.53 36.86 4.18
C VAL B 352 -9.62 38.28 4.74
N PRO B 353 -8.95 38.55 5.87
CA PRO B 353 -8.97 39.92 6.36
C PRO B 353 -8.22 40.83 5.39
N ASP B 354 -8.72 42.04 5.22
CA ASP B 354 -8.08 43.00 4.32
C ASP B 354 -6.65 43.24 4.75
N GLY B 355 -5.76 43.39 3.78
CA GLY B 355 -4.38 43.71 4.08
C GLY B 355 -3.54 42.55 4.60
N ILE B 356 -4.10 41.35 4.59
CA ILE B 356 -3.43 40.18 5.17
C ILE B 356 -2.14 39.82 4.44
N PHE B 357 -2.09 40.09 3.14
CA PHE B 357 -0.95 39.69 2.31
C PHE B 357 0.06 40.81 2.10
N ASP B 358 -0.01 41.83 2.95
CA ASP B 358 0.82 43.03 2.79
C ASP B 358 2.23 42.82 3.34
N THR B 361 6.17 39.79 1.67
CA THR B 361 7.22 40.65 1.14
C THR B 361 8.33 39.86 0.45
N SER B 362 8.42 38.58 0.78
CA SER B 362 9.40 37.69 0.15
C SER B 362 8.66 36.71 -0.73
N LEU B 363 7.34 36.85 -0.76
CA LEU B 363 6.46 35.90 -1.44
C LEU B 363 6.83 35.60 -2.89
N GLN B 364 6.88 34.31 -3.20
CA GLN B 364 7.14 33.84 -4.53
C GLN B 364 5.96 33.03 -5.08
N LYS B 365 5.38 32.17 -4.25
CA LYS B 365 4.24 31.34 -4.66
C LYS B 365 3.16 31.24 -3.58
N ILE B 366 1.90 31.41 -3.99
CA ILE B 366 0.78 31.21 -3.08
C ILE B 366 -0.32 30.39 -3.75
N TRP B 367 -0.91 29.44 -3.01
CA TRP B 367 -1.99 28.60 -3.52
C TRP B 367 -3.26 28.98 -2.78
N LEU B 368 -4.32 29.30 -3.51
CA LEU B 368 -5.56 29.74 -2.87
C LEU B 368 -6.78 29.04 -3.46
N HIS B 369 -6.54 28.17 -4.43
CA HIS B 369 -7.62 27.50 -5.15
C HIS B 369 -8.32 26.49 -4.25
N THR B 370 -9.42 25.94 -4.74
CA THR B 370 -10.20 24.95 -4.00
C THR B 370 -10.59 25.49 -2.62
N ASN B 371 -11.05 26.72 -2.62
CA ASN B 371 -11.67 27.33 -1.45
C ASN B 371 -12.93 28.01 -1.95
N PRO B 372 -14.01 27.97 -1.15
CA PRO B 372 -15.33 28.56 -1.45
C PRO B 372 -15.34 30.07 -1.25
N TRP B 373 -14.61 30.80 -2.08
CA TRP B 373 -14.49 32.24 -1.90
C TRP B 373 -15.82 32.91 -2.11
N ASP B 374 -16.18 33.78 -1.17
CA ASP B 374 -17.40 34.57 -1.26
C ASP B 374 -17.13 35.82 -2.09
N CYS B 375 -17.70 35.87 -3.28
CA CYS B 375 -17.42 36.96 -4.20
C CYS B 375 -18.41 38.13 -4.18
N SER B 376 -19.27 38.18 -3.18
CA SER B 376 -20.13 39.35 -2.97
C SER B 376 -19.21 40.56 -2.72
N CYS B 377 -19.63 41.74 -3.17
CA CYS B 377 -18.62 42.77 -3.45
C CYS B 377 -17.95 43.55 -2.32
N PRO B 378 -18.72 44.10 -1.38
CA PRO B 378 -17.91 44.76 -0.33
C PRO B 378 -17.19 43.77 0.60
N ARG B 379 -16.77 42.60 0.09
CA ARG B 379 -16.01 41.62 0.88
C ARG B 379 -14.73 41.12 0.20
N ILE B 380 -14.82 40.75 -1.08
CA ILE B 380 -13.64 40.29 -1.81
C ILE B 380 -12.91 41.39 -2.52
N ASP B 381 -13.24 42.63 -2.24
CA ASP B 381 -12.60 43.73 -2.96
C ASP B 381 -11.07 43.64 -2.88
N TYR B 382 -10.55 43.56 -1.66
CA TYR B 382 -9.10 43.44 -1.45
C TYR B 382 -8.46 42.23 -2.16
N LEU B 383 -9.00 41.04 -1.91
CA LEU B 383 -8.40 39.82 -2.47
C LEU B 383 -8.47 39.79 -3.99
N SER B 384 -9.59 40.29 -4.54
CA SER B 384 -9.74 40.41 -5.99
C SER B 384 -8.59 41.25 -6.52
N ARG B 385 -8.48 42.46 -5.98
CA ARG B 385 -7.47 43.41 -6.39
C ARG B 385 -6.09 42.79 -6.26
N TRP B 386 -5.86 42.20 -5.09
CA TRP B 386 -4.54 41.68 -4.76
C TRP B 386 -4.11 40.57 -5.72
N LEU B 387 -5.02 39.64 -5.99
CA LEU B 387 -4.75 38.52 -6.88
C LEU B 387 -4.51 39.00 -8.29
N ASN B 388 -5.11 40.13 -8.63
CA ASN B 388 -4.95 40.70 -9.94
C ASN B 388 -3.59 41.36 -10.13
N LYS B 389 -3.12 42.07 -9.10
CA LYS B 389 -1.81 42.72 -9.15
C LYS B 389 -0.69 41.68 -9.06
N ASN B 390 -0.93 40.64 -8.26
CA ASN B 390 0.07 39.63 -7.99
C ASN B 390 -0.14 38.33 -8.77
N SER B 391 -0.78 38.41 -9.93
CA SER B 391 -1.08 37.25 -10.78
C SER B 391 0.04 36.18 -10.90
N GLN B 392 1.28 36.62 -11.06
CA GLN B 392 2.41 35.72 -11.28
C GLN B 392 2.72 34.85 -10.06
N LYS B 393 2.29 35.31 -8.89
CA LYS B 393 2.57 34.62 -7.62
C LYS B 393 1.57 33.51 -7.31
N GLU B 394 0.36 33.61 -7.85
CA GLU B 394 -0.64 32.60 -7.59
C GLU B 394 -0.39 31.30 -8.34
N GLN B 395 -0.47 30.19 -7.62
CA GLN B 395 -0.40 28.87 -8.23
C GLN B 395 -1.81 28.31 -8.30
N GLY B 396 -2.20 27.88 -9.49
CA GLY B 396 -3.59 27.48 -9.70
C GLY B 396 -4.41 28.75 -9.69
N SER B 397 -5.73 28.63 -9.59
CA SER B 397 -6.56 29.82 -9.58
C SER B 397 -7.76 29.77 -8.63
N ALA B 398 -7.83 30.71 -7.70
CA ALA B 398 -8.98 30.83 -6.81
C ALA B 398 -10.25 31.20 -7.57
N LYS B 399 -11.32 30.46 -7.30
CA LYS B 399 -12.59 30.64 -7.99
C LYS B 399 -13.66 31.03 -6.99
N CYS B 400 -14.63 31.80 -7.45
CA CYS B 400 -15.75 32.24 -6.63
C CYS B 400 -16.71 31.07 -6.36
N SER B 401 -17.31 31.03 -5.17
CA SER B 401 -18.17 29.90 -4.79
C SER B 401 -19.43 29.77 -5.63
N GLY B 402 -20.05 30.90 -6.00
CA GLY B 402 -21.24 30.86 -6.83
C GLY B 402 -20.99 30.43 -8.27
N SER B 403 -20.17 31.20 -8.98
CA SER B 403 -19.81 30.95 -10.37
C SER B 403 -18.35 30.51 -10.49
N GLY B 404 -18.00 29.83 -11.57
CA GLY B 404 -16.64 29.35 -11.72
C GLY B 404 -15.65 30.45 -12.07
N LYS B 405 -16.07 31.71 -11.91
CA LYS B 405 -15.23 32.87 -12.21
C LYS B 405 -14.07 32.96 -11.22
N PRO B 406 -12.83 33.17 -11.72
CA PRO B 406 -11.65 33.36 -10.87
C PRO B 406 -11.68 34.66 -10.07
N VAL B 407 -11.29 34.60 -8.81
CA VAL B 407 -11.36 35.74 -7.90
C VAL B 407 -10.60 36.96 -8.44
N ARG B 408 -9.55 36.70 -9.21
CA ARG B 408 -8.74 37.77 -9.81
C ARG B 408 -9.55 38.67 -10.75
N SER B 409 -10.68 38.17 -11.23
CA SER B 409 -11.48 38.85 -12.24
C SER B 409 -12.57 39.75 -11.65
N ILE B 410 -12.77 39.66 -10.34
CA ILE B 410 -13.85 40.41 -9.71
C ILE B 410 -13.51 41.89 -9.56
N ILE B 411 -14.40 42.73 -10.06
CA ILE B 411 -14.30 44.18 -9.86
C ILE B 411 -15.41 44.69 -8.95
N CYS B 412 -15.04 45.16 -7.76
CA CYS B 412 -15.98 45.84 -6.87
C CYS B 412 -16.09 47.36 -7.08
N PRO B 413 -17.31 47.92 -6.94
CA PRO B 413 -17.59 49.34 -7.18
C PRO B 413 -17.34 50.28 -5.99
C1 NAG C . -24.47 14.45 13.88
C2 NAG C . -24.30 15.29 15.15
C3 NAG C . -24.26 16.81 14.86
C4 NAG C . -23.31 17.17 13.71
C5 NAG C . -23.58 16.21 12.54
C6 NAG C . -22.57 16.43 11.42
C7 NAG C . -25.07 14.36 17.26
C8 NAG C . -26.15 13.49 17.83
N2 NAG C . -25.34 14.94 16.09
O3 NAG C . -23.83 17.46 16.03
O4 NAG C . -23.34 18.56 13.33
O5 NAG C . -23.49 14.86 12.96
O6 NAG C . -22.75 15.40 10.47
O7 NAG C . -24.00 14.52 17.86
C1 NAG D . -23.56 1.12 21.19
C2 NAG D . -22.99 0.74 22.55
C3 NAG D . -23.97 -0.16 23.30
C4 NAG D . -25.37 0.44 23.35
C5 NAG D . -25.78 1.03 22.00
C6 NAG D . -27.04 1.88 22.13
C7 NAG D . -20.56 0.60 22.78
C8 NAG D . -19.34 -0.23 22.44
N2 NAG D . -21.72 0.05 22.44
O3 NAG D . -23.45 -0.41 24.59
O4 NAG D . -26.29 -0.58 23.68
O5 NAG D . -24.76 1.83 21.46
O6 NAG D . -26.99 2.65 23.31
O7 NAG D . -20.47 1.69 23.34
C1 NAG E . -3.87 -27.52 16.39
C2 NAG E . -2.95 -27.92 17.55
C3 NAG E . -3.63 -28.95 18.45
C4 NAG E . -5.00 -28.46 18.88
C5 NAG E . -5.82 -28.13 17.64
C6 NAG E . -7.20 -27.59 17.97
C7 NAG E . -0.55 -27.73 17.11
C8 NAG E . 0.70 -28.46 16.72
N2 NAG E . -1.69 -28.43 17.03
O3 NAG E . -2.84 -29.22 19.58
O4 NAG E . -5.65 -29.44 19.65
O5 NAG E . -5.15 -27.15 16.86
O6 NAG E . -7.79 -27.16 16.76
O7 NAG E . -0.49 -26.55 17.46
C1 NAG F . 5.86 -27.86 12.33
C2 NAG F . 6.22 -27.52 13.79
C3 NAG F . 7.63 -26.99 13.88
C4 NAG F . 8.59 -28.03 13.32
C5 NAG F . 8.22 -28.44 11.89
C6 NAG F . 9.02 -29.70 11.54
C7 NAG F . 4.67 -26.76 15.53
C8 NAG F . 4.06 -25.53 16.18
N2 NAG F . 5.28 -26.57 14.35
O3 NAG F . 8.00 -26.72 15.21
O4 NAG F . 9.91 -27.52 13.39
O5 NAG F . 6.82 -28.67 11.68
O6 NAG F . 8.69 -30.16 10.24
O7 NAG F . 4.58 -27.86 16.10
C1 NAG G . -1.86 -18.25 -8.34
C2 NAG G . -2.92 -17.64 -9.28
C3 NAG G . -2.44 -16.47 -10.17
C4 NAG G . -1.39 -15.56 -9.52
C5 NAG G . -0.46 -16.21 -8.49
C6 NAG G . -0.04 -15.06 -7.57
C7 NAG G . -4.79 -18.74 -10.38
C8 NAG G . -5.25 -19.76 -11.38
N2 NAG G . -3.48 -18.65 -10.18
O3 NAG G . -3.56 -15.69 -10.49
O4 NAG G . -0.61 -14.96 -10.54
O5 NAG G . -1.05 -17.26 -7.72
O6 NAG G . 0.60 -15.48 -6.39
O7 NAG G . -5.62 -18.05 -9.78
S SO4 H . -20.30 -4.96 22.98
O1 SO4 H . -19.06 -4.22 23.24
O2 SO4 H . -20.20 -5.76 21.76
O3 SO4 H . -21.40 -4.00 22.82
O4 SO4 H . -20.54 -5.88 24.10
S SO4 I . -22.94 6.72 19.95
O1 SO4 I . -23.46 5.36 19.79
O2 SO4 I . -21.51 6.71 19.67
O3 SO4 I . -23.14 7.17 21.32
O4 SO4 I . -23.57 7.64 19.02
S SO4 J . -6.27 14.29 2.23
O1 SO4 J . -5.16 14.67 1.35
O2 SO4 J . -5.97 13.02 2.90
O3 SO4 J . -6.48 15.34 3.24
O4 SO4 J . -7.48 14.15 1.42
S SO4 K . -3.30 1.43 5.82
O1 SO4 K . -2.29 1.99 4.94
O2 SO4 K . -2.87 0.12 6.30
O3 SO4 K . -3.50 2.34 6.96
O4 SO4 K . -4.56 1.28 5.10
C1 NAG L . 25.60 -17.34 4.22
C2 NAG L . 25.52 -18.65 4.99
C3 NAG L . 25.53 -19.86 4.05
C4 NAG L . 24.39 -19.73 3.04
C5 NAG L . 24.56 -18.38 2.32
C6 NAG L . 23.40 -18.11 1.38
C7 NAG L . 26.40 -18.53 7.28
C8 NAG L . 27.32 -17.55 7.93
N2 NAG L . 26.59 -18.77 5.97
O3 NAG L . 25.39 -21.05 4.80
O4 NAG L . 24.38 -20.81 2.13
O5 NAG L . 24.60 -17.30 3.22
O6 NAG L . 23.56 -16.79 0.92
O7 NAG L . 25.51 -19.08 7.94
C1 NAG M . 25.45 -8.37 16.68
C2 NAG M . 25.03 -8.44 18.15
C3 NAG M . 26.12 -7.98 19.12
C4 NAG M . 27.47 -8.63 18.77
C5 NAG M . 27.75 -8.55 17.28
C6 NAG M . 29.05 -9.24 16.89
C7 NAG M . 22.86 -8.36 19.10
C8 NAG M . 21.46 -7.79 19.08
N2 NAG M . 23.80 -7.73 18.40
O3 NAG M . 25.71 -8.29 20.43
O4 NAG M . 28.53 -8.03 19.48
O5 NAG M . 26.66 -9.10 16.55
O6 NAG M . 28.86 -10.63 16.70
O7 NAG M . 23.13 -9.37 19.74
C1 NAG N . 6.04 19.53 25.95
C2 NAG N . 4.88 19.74 26.92
C3 NAG N . 5.35 20.25 28.29
C4 NAG N . 6.43 19.35 28.84
C5 NAG N . 7.57 19.18 27.85
C6 NAG N . 8.49 18.06 28.34
C7 NAG N . 2.65 20.25 26.18
C8 NAG N . 1.77 21.13 25.34
N2 NAG N . 3.91 20.66 26.36
O3 NAG N . 4.28 20.31 29.21
O4 NAG N . 6.93 19.90 30.05
O5 NAG N . 7.12 18.84 26.54
O6 NAG N . 9.55 17.81 27.44
O7 NAG N . 2.23 19.20 26.69
C1 NAG O . -4.21 21.23 23.04
C2 NAG O . -4.46 20.35 24.26
C3 NAG O . -5.94 19.96 24.39
C4 NAG O . -6.73 21.26 24.51
C5 NAG O . -6.51 22.08 23.23
C6 NAG O . -7.27 23.41 23.36
C7 NAG O . -2.89 18.91 25.44
C8 NAG O . -2.16 17.59 25.49
N2 NAG O . -3.61 19.16 24.34
O3 NAG O . -6.14 19.14 25.52
O4 NAG O . -8.10 21.04 24.75
O5 NAG O . -5.13 22.31 22.93
O6 NAG O . -7.18 24.17 22.18
O7 NAG O . -2.80 19.70 26.40
C1 NAG P . 1.43 20.79 -0.16
C2 NAG P . 2.25 20.66 -1.45
C3 NAG P . 1.52 19.94 -2.58
C4 NAG P . 0.77 18.71 -2.12
C5 NAG P . -0.08 19.09 -0.91
C6 NAG P . -0.98 17.95 -0.39
C7 NAG P . 4.00 22.17 -2.08
C8 NAG P . 4.42 23.58 -2.36
N2 NAG P . 2.70 21.95 -1.94
O3 NAG P . 2.47 19.58 -3.58
O4 NAG P . -0.03 18.25 -3.19
O5 NAG P . 0.79 19.56 0.11
O6 NAG P . -0.35 17.13 0.59
O7 NAG P . 4.84 21.27 -2.00
S SO4 Q . 21.41 -4.57 21.81
O1 SO4 Q . 21.91 -3.41 21.07
O2 SO4 Q . 22.16 -5.76 21.41
O3 SO4 Q . 21.58 -4.37 23.25
O4 SO4 Q . 20.00 -4.79 21.53
S SO4 R . 24.45 -12.93 13.41
O1 SO4 R . 25.23 -13.48 12.29
O2 SO4 R . 24.63 -13.70 14.65
O3 SO4 R . 24.83 -11.55 13.71
O4 SO4 R . 23.04 -13.02 13.02
S SO4 S . 6.28 -13.32 -4.45
O1 SO4 S . 7.18 -13.32 -5.61
O2 SO4 S . 6.62 -14.44 -3.57
O3 SO4 S . 6.44 -12.07 -3.72
O4 SO4 S . 4.91 -13.45 -4.92
S SO4 T . 3.79 -2.88 4.67
O1 SO4 T . 4.73 -2.51 3.62
O2 SO4 T . 4.14 -4.18 5.24
O3 SO4 T . 3.84 -1.86 5.72
O4 SO4 T . 2.43 -2.93 4.11
#